data_2ZAU
#
_entry.id   2ZAU
#
_cell.length_a   93.161
_cell.length_b   165.198
_cell.length_c   167.684
_cell.angle_alpha   90.00
_cell.angle_beta   90.00
_cell.angle_gamma   90.00
#
_symmetry.space_group_name_H-M   'C 2 2 21'
#
loop_
_entity.id
_entity.type
_entity.pdbx_description
1 polymer 'Selenide, water dikinase'
2 non-polymer 'PHOSPHATE ION'
3 water water
#
_entity_poly.entity_id   1
_entity_poly.type   'polypeptide(L)'
_entity_poly.pdbx_seq_one_letter_code
;MKGFNIYTDESTLVSIGDDAGVYEHNGIIWVYTVDIITPVVNDPYLWGAISTANALSDVYAMGGIPVNALAISCFNNCEL
DIEIFREVIRGALDKLREAKTVLLGGHTIDDKEPKFGLSVAGICPEGKYITQSGAQVGQLLILTKPIGTGILIKGLKEGI
LKEEDINEAIENMLALNDKARNLMLSLDATACTDVTGFGLLGHAWNICKNSNIGARIFFEKVPYYQLSENLVKKKIYPKG
AIENLNFVKNYLKSNLDNWKLILLSDPVTSGGLLFTINKEKLEKIDETAKELEVNYWIIGETIAENVLEVL
;
_entity_poly.pdbx_strand_id   A,B,C
#
loop_
_chem_comp.id
_chem_comp.type
_chem_comp.name
_chem_comp.formula
PO4 non-polymer 'PHOSPHATE ION' 'O4 P -3'
#
# COMPACT_ATOMS: atom_id res chain seq x y z
N GLY A 3 -7.07 31.18 -33.65
CA GLY A 3 -7.47 30.64 -32.33
C GLY A 3 -7.18 29.15 -32.20
N PHE A 4 -6.57 28.60 -33.25
CA PHE A 4 -6.22 27.19 -33.28
C PHE A 4 -5.20 26.85 -32.19
N ASN A 5 -5.39 25.71 -31.53
CA ASN A 5 -4.50 25.28 -30.46
C ASN A 5 -4.28 23.77 -30.44
N ILE A 6 -3.04 23.38 -30.14
CA ILE A 6 -2.66 21.97 -30.03
C ILE A 6 -1.69 21.84 -28.85
N TYR A 7 -2.08 21.01 -27.89
CA TYR A 7 -1.27 20.77 -26.70
C TYR A 7 -1.12 19.26 -26.48
N THR A 8 0.09 18.83 -26.13
CA THR A 8 0.36 17.42 -25.87
C THR A 8 1.05 17.28 -24.52
N ASP A 9 0.86 16.11 -23.91
CA ASP A 9 1.46 15.84 -22.62
C ASP A 9 1.79 14.36 -22.58
N GLU A 10 2.96 14.03 -22.05
CA GLU A 10 3.35 12.64 -21.95
C GLU A 10 4.32 12.44 -20.80
N SER A 11 4.21 11.28 -20.15
CA SER A 11 5.10 10.96 -19.05
C SER A 11 5.24 9.45 -18.96
N THR A 12 6.37 9.03 -18.44
CA THR A 12 6.70 7.63 -18.26
C THR A 12 7.33 7.46 -16.89
N LEU A 13 6.94 6.38 -16.21
CA LEU A 13 7.49 6.06 -14.90
C LEU A 13 7.95 4.62 -14.87
N VAL A 14 9.22 4.43 -14.53
CA VAL A 14 9.81 3.10 -14.43
C VAL A 14 10.38 2.98 -13.03
N SER A 15 9.89 2.01 -12.27
CA SER A 15 10.36 1.80 -10.91
C SER A 15 10.90 0.37 -10.75
N ILE A 16 11.86 0.20 -9.85
CA ILE A 16 12.47 -1.10 -9.63
C ILE A 16 11.80 -1.90 -8.51
N GLY A 17 11.32 -1.22 -7.48
CA GLY A 17 10.67 -1.92 -6.39
C GLY A 17 10.12 -0.98 -5.33
N ASP A 18 10.95 -0.69 -4.33
CA ASP A 18 10.59 0.21 -3.24
C ASP A 18 10.07 1.54 -3.79
N ASP A 19 10.90 2.58 -3.72
CA ASP A 19 10.54 3.88 -4.22
C ASP A 19 11.69 4.42 -5.08
N ALA A 20 12.38 3.50 -5.75
CA ALA A 20 13.50 3.84 -6.61
C ALA A 20 13.07 3.72 -8.07
N GLY A 21 13.14 4.82 -8.81
CA GLY A 21 12.74 4.78 -10.20
C GLY A 21 13.19 5.96 -11.03
N VAL A 22 12.69 6.00 -12.26
CA VAL A 22 13.01 7.07 -13.20
C VAL A 22 11.69 7.57 -13.77
N TYR A 23 11.55 8.89 -13.80
CA TYR A 23 10.34 9.54 -14.29
C TYR A 23 10.66 10.59 -15.36
N GLU A 24 9.99 10.50 -16.49
CA GLU A 24 10.21 11.46 -17.56
C GLU A 24 8.87 12.13 -17.84
N HIS A 25 8.89 13.46 -17.93
CA HIS A 25 7.66 14.21 -18.20
C HIS A 25 7.93 15.42 -19.10
N ASN A 26 7.47 15.35 -20.34
CA ASN A 26 7.64 16.43 -21.31
C ASN A 26 9.07 16.97 -21.41
N GLY A 27 10.05 16.08 -21.54
CA GLY A 27 11.43 16.52 -21.67
C GLY A 27 12.31 16.53 -20.43
N ILE A 28 11.73 16.53 -19.24
CA ILE A 28 12.55 16.52 -18.03
C ILE A 28 12.62 15.10 -17.46
N ILE A 29 13.78 14.74 -16.93
CA ILE A 29 13.97 13.42 -16.34
C ILE A 29 14.29 13.55 -14.86
N TRP A 30 13.51 12.86 -14.02
CA TRP A 30 13.72 12.84 -12.59
C TRP A 30 14.14 11.43 -12.20
N VAL A 31 15.04 11.34 -11.22
CA VAL A 31 15.46 10.04 -10.73
C VAL A 31 15.17 10.03 -9.24
N TYR A 32 14.70 8.88 -8.75
CA TYR A 32 14.37 8.72 -7.35
C TYR A 32 15.12 7.52 -6.80
N THR A 33 15.70 7.68 -5.61
CA THR A 33 16.45 6.61 -4.99
C THR A 33 16.23 6.65 -3.49
N VAL A 34 16.55 5.54 -2.84
CA VAL A 34 16.42 5.45 -1.39
C VAL A 34 17.61 4.65 -0.88
N ASP A 35 18.24 5.13 0.18
CA ASP A 35 19.40 4.44 0.70
C ASP A 35 19.61 4.70 2.19
N ILE A 36 19.51 3.65 3.01
CA ILE A 36 19.69 3.79 4.44
C ILE A 36 20.77 2.83 4.89
N ILE A 37 21.62 3.25 5.82
CA ILE A 37 22.70 2.39 6.30
C ILE A 37 22.74 2.30 7.82
N THR A 38 23.37 1.25 8.33
CA THR A 38 23.52 1.07 9.76
C THR A 38 24.65 2.01 10.14
N PRO A 39 24.85 2.28 11.44
CA PRO A 39 25.93 3.17 11.86
C PRO A 39 27.26 2.78 11.23
N VAL A 40 28.02 3.77 10.81
CA VAL A 40 29.33 3.56 10.17
C VAL A 40 30.45 3.83 11.17
N VAL A 41 30.32 4.95 11.88
CA VAL A 41 31.30 5.36 12.89
C VAL A 41 30.55 5.57 14.21
N ASN A 42 31.28 5.85 15.28
CA ASN A 42 30.64 6.05 16.58
C ASN A 42 30.12 7.47 16.79
N ASP A 43 30.47 8.37 15.87
CA ASP A 43 30.01 9.76 15.99
C ASP A 43 28.67 9.91 15.27
N PRO A 44 27.58 10.16 16.02
CA PRO A 44 26.23 10.34 15.49
C PRO A 44 26.18 11.35 14.35
N TYR A 45 26.85 12.48 14.54
CA TYR A 45 26.88 13.52 13.53
C TYR A 45 27.47 13.00 12.22
N LEU A 46 28.60 12.32 12.32
CA LEU A 46 29.26 11.77 11.13
C LEU A 46 28.40 10.70 10.45
N TRP A 47 27.60 9.99 11.24
CA TRP A 47 26.73 8.96 10.70
C TRP A 47 25.66 9.59 9.82
N GLY A 48 25.12 10.72 10.27
CA GLY A 48 24.09 11.40 9.49
C GLY A 48 24.69 12.01 8.23
N ALA A 49 25.88 12.58 8.37
CA ALA A 49 26.57 13.20 7.24
C ALA A 49 26.99 12.17 6.20
N ILE A 50 27.58 11.07 6.66
CA ILE A 50 28.04 10.02 5.74
C ILE A 50 26.86 9.32 5.06
N SER A 51 25.81 9.04 5.81
CA SER A 51 24.63 8.38 5.24
C SER A 51 24.04 9.28 4.14
N THR A 52 24.09 10.59 4.37
CA THR A 52 23.57 11.54 3.41
C THR A 52 24.40 11.52 2.13
N ALA A 53 25.72 11.65 2.27
CA ALA A 53 26.59 11.62 1.09
C ALA A 53 26.34 10.31 0.35
N ASN A 54 26.18 9.22 1.09
CA ASN A 54 25.94 7.91 0.49
C ASN A 54 24.63 7.86 -0.32
N ALA A 55 23.57 8.44 0.24
CA ALA A 55 22.27 8.45 -0.43
C ALA A 55 22.31 9.34 -1.68
N LEU A 56 22.89 10.53 -1.55
CA LEU A 56 22.99 11.44 -2.69
C LEU A 56 23.78 10.80 -3.83
N SER A 57 24.75 9.96 -3.49
CA SER A 57 25.56 9.30 -4.51
C SER A 57 24.76 8.51 -5.53
N ASP A 58 23.68 7.87 -5.09
CA ASP A 58 22.83 7.10 -6.02
C ASP A 58 22.36 8.01 -7.14
N VAL A 59 22.11 9.28 -6.82
CA VAL A 59 21.65 10.24 -7.82
C VAL A 59 22.81 10.76 -8.66
N TYR A 60 23.92 11.09 -8.02
CA TYR A 60 25.09 11.59 -8.76
C TYR A 60 25.53 10.57 -9.79
N ALA A 61 25.51 9.29 -9.40
CA ALA A 61 25.94 8.20 -10.28
C ALA A 61 25.14 8.09 -11.57
N MET A 62 23.91 8.62 -11.55
CA MET A 62 23.07 8.59 -12.74
C MET A 62 23.19 9.91 -13.51
N GLY A 63 24.18 10.72 -13.12
CA GLY A 63 24.38 12.01 -13.77
C GLY A 63 23.41 13.05 -13.26
N GLY A 64 22.73 12.73 -12.17
CA GLY A 64 21.74 13.66 -11.64
C GLY A 64 22.15 14.75 -10.68
N ILE A 65 21.29 15.75 -10.58
CA ILE A 65 21.46 16.87 -9.68
C ILE A 65 20.42 16.67 -8.59
N PRO A 66 20.87 16.38 -7.35
CA PRO A 66 19.91 16.18 -6.27
C PRO A 66 19.13 17.48 -6.06
N VAL A 67 17.83 17.37 -5.81
CA VAL A 67 16.97 18.53 -5.60
C VAL A 67 16.38 18.54 -4.19
N ASN A 68 15.75 17.45 -3.79
CA ASN A 68 15.19 17.39 -2.45
C ASN A 68 15.25 15.97 -1.87
N ALA A 69 14.97 15.84 -0.58
CA ALA A 69 15.05 14.55 0.07
C ALA A 69 14.14 14.42 1.26
N LEU A 70 14.04 13.19 1.76
CA LEU A 70 13.23 12.86 2.90
C LEU A 70 14.09 11.95 3.77
N ALA A 71 14.14 12.21 5.06
CA ALA A 71 14.93 11.40 5.98
C ALA A 71 14.15 10.13 6.32
N ILE A 72 14.88 9.03 6.50
CA ILE A 72 14.27 7.75 6.85
C ILE A 72 15.09 7.09 7.93
N SER A 73 14.44 6.73 9.05
CA SER A 73 15.15 6.07 10.14
C SER A 73 14.17 5.23 10.96
N CYS A 74 14.71 4.28 11.71
CA CYS A 74 13.90 3.41 12.55
C CYS A 74 13.08 4.23 13.55
N PHE A 75 13.70 5.28 14.08
CA PHE A 75 13.05 6.19 15.03
C PHE A 75 12.13 5.52 16.05
N ASN A 76 12.52 5.58 17.33
CA ASN A 76 11.73 4.99 18.41
C ASN A 76 11.61 3.46 18.32
N ASN A 77 11.97 2.90 17.16
CA ASN A 77 11.90 1.45 16.99
C ASN A 77 13.26 0.82 17.23
N CYS A 78 14.28 1.66 17.39
CA CYS A 78 15.64 1.19 17.66
C CYS A 78 16.11 1.68 19.02
N GLU A 79 15.53 2.79 19.48
CA GLU A 79 15.87 3.37 20.77
C GLU A 79 14.78 4.34 21.23
N ILE A 82 16.81 9.37 22.44
CA ILE A 82 16.44 10.26 21.34
C ILE A 82 17.24 11.57 21.42
N GLU A 83 18.56 11.43 21.50
CA GLU A 83 19.45 12.58 21.57
C GLU A 83 20.51 12.44 20.48
N ILE A 84 20.78 11.20 20.12
CA ILE A 84 21.75 10.90 19.08
C ILE A 84 21.16 11.25 17.72
N PHE A 85 19.89 10.90 17.52
CA PHE A 85 19.22 11.19 16.26
C PHE A 85 19.22 12.69 15.97
N ARG A 86 19.17 13.48 17.04
CA ARG A 86 19.19 14.93 16.90
C ARG A 86 20.52 15.29 16.23
N GLU A 87 21.58 14.61 16.67
CA GLU A 87 22.92 14.81 16.12
C GLU A 87 23.00 14.23 14.72
N VAL A 88 22.29 13.11 14.50
CA VAL A 88 22.28 12.46 13.20
C VAL A 88 21.64 13.39 12.17
N ILE A 89 20.52 14.01 12.56
CA ILE A 89 19.81 14.93 11.68
C ILE A 89 20.68 16.14 11.41
N ARG A 90 21.37 16.60 12.44
CA ARG A 90 22.25 17.76 12.31
C ARG A 90 23.33 17.47 11.24
N GLY A 91 23.86 16.26 11.28
CA GLY A 91 24.88 15.90 10.30
C GLY A 91 24.29 15.84 8.90
N ALA A 92 23.09 15.28 8.80
CA ALA A 92 22.42 15.16 7.52
C ALA A 92 22.13 16.55 6.94
N LEU A 93 21.63 17.45 7.78
CA LEU A 93 21.30 18.80 7.36
C LEU A 93 22.52 19.55 6.83
N ASP A 94 23.65 19.39 7.51
CA ASP A 94 24.87 20.06 7.06
C ASP A 94 25.30 19.53 5.70
N LYS A 95 25.25 18.21 5.52
CA LYS A 95 25.65 17.61 4.26
C LYS A 95 24.67 17.97 3.12
N LEU A 96 23.38 18.00 3.43
CA LEU A 96 22.38 18.38 2.43
C LEU A 96 22.58 19.83 2.00
N ARG A 97 22.82 20.71 2.97
CA ARG A 97 23.05 22.13 2.68
C ARG A 97 24.23 22.23 1.71
N GLU A 98 25.30 21.51 1.99
CA GLU A 98 26.48 21.51 1.13
C GLU A 98 26.09 21.04 -0.28
N ALA A 99 25.21 20.04 -0.35
CA ALA A 99 24.76 19.50 -1.64
C ALA A 99 23.64 20.33 -2.25
N LYS A 100 23.27 21.42 -1.59
CA LYS A 100 22.20 22.29 -2.06
C LYS A 100 20.92 21.49 -2.32
N THR A 101 20.62 20.56 -1.40
CA THR A 101 19.44 19.71 -1.49
C THR A 101 18.53 20.06 -0.31
N VAL A 102 17.24 20.22 -0.59
CA VAL A 102 16.26 20.58 0.44
C VAL A 102 15.65 19.36 1.14
N LEU A 103 15.59 19.41 2.48
CA LEU A 103 14.99 18.32 3.25
C LEU A 103 13.51 18.64 3.44
N LEU A 104 12.65 17.83 2.83
CA LEU A 104 11.21 18.01 2.88
C LEU A 104 10.50 17.37 4.08
N GLY A 105 11.21 16.55 4.84
CA GLY A 105 10.60 15.90 5.98
C GLY A 105 11.23 14.55 6.27
N GLY A 106 10.46 13.68 6.94
CA GLY A 106 10.97 12.37 7.30
C GLY A 106 9.90 11.30 7.40
N HIS A 107 10.35 10.05 7.36
CA HIS A 107 9.48 8.88 7.41
C HIS A 107 10.10 7.83 8.34
N THR A 108 9.28 7.29 9.24
CA THR A 108 9.74 6.27 10.18
C THR A 108 9.46 4.87 9.66
N ILE A 109 10.34 3.94 9.99
CA ILE A 109 10.19 2.55 9.59
C ILE A 109 10.22 1.65 10.81
N ASP A 110 9.45 0.56 10.77
CA ASP A 110 9.43 -0.38 11.88
C ASP A 110 10.64 -1.30 11.77
N ASP A 111 11.68 -0.98 12.52
CA ASP A 111 12.91 -1.75 12.50
C ASP A 111 13.62 -1.60 13.84
N LYS A 112 14.02 -2.73 14.43
CA LYS A 112 14.71 -2.71 15.71
C LYS A 112 16.19 -2.41 15.48
N GLU A 113 16.68 -2.74 14.29
CA GLU A 113 18.07 -2.52 13.92
C GLU A 113 18.29 -1.06 13.51
N PRO A 114 19.12 -0.32 14.26
CA PRO A 114 19.41 1.09 13.97
C PRO A 114 19.82 1.35 12.53
N LYS A 115 19.06 2.19 11.85
CA LYS A 115 19.33 2.53 10.45
C LYS A 115 18.86 3.94 10.14
N PHE A 116 19.60 4.61 9.26
CA PHE A 116 19.26 5.97 8.85
C PHE A 116 19.71 6.22 7.41
N GLY A 117 18.90 6.95 6.67
CA GLY A 117 19.23 7.25 5.29
C GLY A 117 18.28 8.28 4.72
N LEU A 118 18.23 8.34 3.39
CA LEU A 118 17.37 9.29 2.72
C LEU A 118 16.76 8.72 1.47
N SER A 119 15.63 9.31 1.10
CA SER A 119 14.92 9.01 -0.12
C SER A 119 15.33 10.31 -0.83
N VAL A 120 15.81 10.23 -2.07
CA VAL A 120 16.27 11.41 -2.78
C VAL A 120 15.69 11.54 -4.20
N ALA A 121 15.36 12.77 -4.58
CA ALA A 121 14.83 13.06 -5.91
C ALA A 121 15.79 14.03 -6.58
N GLY A 122 16.18 13.70 -7.80
CA GLY A 122 17.10 14.56 -8.54
C GLY A 122 16.70 14.64 -10.00
N ILE A 123 17.31 15.56 -10.74
CA ILE A 123 17.00 15.71 -12.15
C ILE A 123 18.24 15.52 -13.04
N CYS A 124 18.00 15.03 -14.25
CA CYS A 124 19.06 14.80 -15.24
C CYS A 124 18.75 15.69 -16.44
N PRO A 125 19.29 16.92 -16.45
CA PRO A 125 19.08 17.89 -17.52
C PRO A 125 19.52 17.43 -18.90
N GLU A 126 18.91 18.03 -19.93
CA GLU A 126 19.24 17.74 -21.32
C GLU A 126 19.37 16.25 -21.63
N GLY A 127 18.49 15.45 -21.05
CA GLY A 127 18.51 14.02 -21.29
C GLY A 127 19.80 13.31 -20.91
N LYS A 128 20.62 13.94 -20.07
CA LYS A 128 21.85 13.31 -19.64
C LYS A 128 21.60 12.30 -18.54
N TYR A 129 20.90 11.22 -18.89
CA TYR A 129 20.56 10.15 -17.96
C TYR A 129 21.58 9.01 -18.17
N ILE A 130 22.47 8.82 -17.20
CA ILE A 130 23.50 7.79 -17.32
C ILE A 130 23.10 6.48 -16.62
N THR A 131 23.17 5.38 -17.35
CA THR A 131 22.81 4.08 -16.79
C THR A 131 24.03 3.16 -16.65
N GLN A 132 23.75 1.89 -16.39
CA GLN A 132 24.76 0.86 -16.23
C GLN A 132 24.80 -0.07 -17.45
N SER A 133 24.00 0.23 -18.46
CA SER A 133 23.93 -0.64 -19.64
C SER A 133 24.42 -0.06 -20.96
N GLY A 134 25.10 1.08 -20.93
CA GLY A 134 25.58 1.66 -22.18
C GLY A 134 27.08 1.54 -22.42
N ALA A 135 27.75 0.64 -21.69
CA ALA A 135 29.19 0.45 -21.84
C ALA A 135 29.55 -0.35 -23.09
N GLN A 136 30.66 0.04 -23.72
CA GLN A 136 31.15 -0.61 -24.95
C GLN A 136 32.50 -1.30 -24.71
N VAL A 137 32.86 -2.21 -25.60
CA VAL A 137 34.14 -2.92 -25.50
C VAL A 137 35.30 -1.97 -25.75
N GLY A 138 36.41 -2.20 -25.05
CA GLY A 138 37.57 -1.36 -25.25
C GLY A 138 37.57 -0.03 -24.53
N GLN A 139 36.65 0.14 -23.58
CA GLN A 139 36.58 1.38 -22.82
C GLN A 139 37.33 1.25 -21.50
N LEU A 140 37.79 2.37 -20.95
CA LEU A 140 38.52 2.36 -19.70
C LEU A 140 37.59 2.47 -18.49
N LEU A 141 37.95 1.79 -17.41
CA LEU A 141 37.20 1.81 -16.16
C LEU A 141 37.87 2.80 -15.22
N ILE A 142 37.12 3.80 -14.80
CA ILE A 142 37.60 4.86 -13.92
C ILE A 142 36.90 4.81 -12.55
N LEU A 143 37.67 4.96 -11.49
CA LEU A 143 37.17 4.96 -10.11
C LEU A 143 37.62 6.26 -9.45
N THR A 144 36.75 6.88 -8.65
CA THR A 144 37.05 8.16 -8.01
C THR A 144 37.30 8.20 -6.50
N LYS A 145 37.26 7.06 -5.83
CA LYS A 145 37.54 7.00 -4.39
C LYS A 145 38.16 5.65 -4.08
N PRO A 146 38.99 5.58 -3.03
CA PRO A 146 39.61 4.29 -2.67
C PRO A 146 38.54 3.35 -2.12
N ILE A 147 38.84 2.06 -2.11
CA ILE A 147 37.96 1.06 -1.55
C ILE A 147 38.63 0.57 -0.25
N GLY A 148 37.93 -0.26 0.52
CA GLY A 148 38.47 -0.79 1.76
C GLY A 148 37.84 -0.29 3.04
N THR A 149 36.75 0.48 2.93
CA THR A 149 36.07 1.02 4.13
C THR A 149 35.45 -0.08 4.98
N GLY A 150 34.99 -1.14 4.33
CA GLY A 150 34.36 -2.24 5.05
C GLY A 150 35.32 -2.87 6.05
N ILE A 151 36.54 -3.10 5.60
CA ILE A 151 37.56 -3.69 6.44
C ILE A 151 37.94 -2.79 7.63
N LEU A 152 37.92 -1.47 7.40
CA LEU A 152 38.28 -0.52 8.46
C LEU A 152 37.14 -0.37 9.47
N ILE A 153 35.91 -0.36 8.96
CA ILE A 153 34.75 -0.23 9.83
C ILE A 153 34.61 -1.50 10.67
N LYS A 154 35.08 -2.61 10.10
CA LYS A 154 35.05 -3.91 10.77
C LYS A 154 36.05 -3.85 11.93
N GLY A 155 37.28 -3.43 11.61
CA GLY A 155 38.32 -3.33 12.61
C GLY A 155 37.95 -2.38 13.73
N LEU A 156 37.17 -1.35 13.41
CA LEU A 156 36.75 -0.38 14.41
C LEU A 156 35.80 -1.08 15.39
N LYS A 157 34.96 -1.97 14.86
CA LYS A 157 34.00 -2.69 15.68
C LYS A 157 34.69 -3.76 16.52
N GLU A 158 35.76 -4.35 16.00
CA GLU A 158 36.51 -5.38 16.70
C GLU A 158 37.47 -4.76 17.71
N GLY A 159 37.34 -3.46 17.93
CA GLY A 159 38.21 -2.78 18.87
C GLY A 159 39.66 -2.77 18.42
N ILE A 160 39.93 -3.31 17.25
CA ILE A 160 41.28 -3.37 16.71
C ILE A 160 41.75 -1.97 16.34
N LEU A 161 40.81 -1.12 15.95
CA LEU A 161 41.12 0.25 15.56
C LEU A 161 40.34 1.27 16.37
N LYS A 162 40.87 2.50 16.38
CA LYS A 162 40.23 3.60 17.08
C LYS A 162 39.62 4.52 16.04
N GLU A 163 38.59 5.27 16.44
CA GLU A 163 37.91 6.20 15.54
C GLU A 163 38.93 7.03 14.75
N GLU A 164 39.89 7.60 15.46
CA GLU A 164 40.94 8.43 14.87
C GLU A 164 41.80 7.73 13.83
N ASP A 165 41.95 6.42 13.95
CA ASP A 165 42.77 5.66 13.01
C ASP A 165 42.24 5.65 11.58
N ILE A 166 40.98 5.99 11.40
CA ILE A 166 40.39 5.98 10.07
C ILE A 166 39.86 7.33 9.61
N ASN A 167 40.55 8.40 9.99
CA ASN A 167 40.12 9.73 9.58
C ASN A 167 40.21 9.90 8.07
N GLU A 168 41.19 9.26 7.44
CA GLU A 168 41.35 9.37 5.99
C GLU A 168 40.09 8.80 5.30
N ALA A 169 39.67 7.60 5.73
CA ALA A 169 38.49 6.96 5.17
C ALA A 169 37.23 7.80 5.46
N ILE A 170 37.11 8.29 6.69
CA ILE A 170 35.96 9.12 7.06
C ILE A 170 35.86 10.36 6.15
N GLU A 171 37.00 10.98 5.88
CA GLU A 171 37.03 12.15 5.00
C GLU A 171 36.49 11.79 3.62
N ASN A 172 36.86 10.61 3.12
CA ASN A 172 36.39 10.17 1.81
C ASN A 172 34.91 9.78 1.82
N MET A 173 34.43 9.21 2.93
CA MET A 173 33.03 8.81 3.02
C MET A 173 32.12 10.04 3.12
N LEU A 174 32.69 11.12 3.63
CA LEU A 174 31.99 12.38 3.83
C LEU A 174 31.86 13.16 2.52
N ALA A 175 32.81 12.96 1.61
CA ALA A 175 32.85 13.67 0.33
C ALA A 175 31.72 13.35 -0.64
N LEU A 176 31.09 14.40 -1.15
CA LEU A 176 30.01 14.30 -2.12
C LEU A 176 30.57 13.89 -3.49
N ASN A 177 29.83 13.08 -4.25
CA ASN A 177 30.30 12.66 -5.57
C ASN A 177 29.83 13.62 -6.66
N ASP A 178 29.56 14.86 -6.28
CA ASP A 178 29.11 15.84 -7.27
C ASP A 178 30.25 16.21 -8.23
N LYS A 179 31.46 16.38 -7.70
CA LYS A 179 32.60 16.70 -8.56
C LYS A 179 32.92 15.52 -9.47
N ALA A 180 32.80 14.31 -8.92
CA ALA A 180 33.04 13.09 -9.70
C ALA A 180 32.01 12.96 -10.82
N ARG A 181 30.77 13.36 -10.53
CA ARG A 181 29.70 13.30 -11.52
C ARG A 181 30.07 14.23 -12.67
N ASN A 182 30.50 15.44 -12.33
CA ASN A 182 30.89 16.42 -13.33
C ASN A 182 32.02 15.88 -14.22
N LEU A 183 33.00 15.21 -13.62
CA LEU A 183 34.11 14.65 -14.40
C LEU A 183 33.58 13.59 -15.36
N MET A 184 32.75 12.71 -14.81
CA MET A 184 32.14 11.61 -15.57
C MET A 184 31.34 12.16 -16.77
N LEU A 185 30.57 13.21 -16.53
CA LEU A 185 29.78 13.81 -17.61
C LEU A 185 30.68 14.55 -18.60
N SER A 186 31.69 15.25 -18.08
CA SER A 186 32.62 16.00 -18.91
C SER A 186 33.39 15.11 -19.88
N LEU A 187 33.70 13.88 -19.44
CA LEU A 187 34.43 12.93 -20.27
C LEU A 187 33.49 12.06 -21.11
N ASP A 188 32.19 12.40 -21.09
CA ASP A 188 31.19 11.66 -21.84
C ASP A 188 31.12 10.16 -21.54
N ALA A 189 31.19 9.80 -20.26
CA ALA A 189 31.13 8.40 -19.86
C ALA A 189 29.89 7.71 -20.44
N THR A 190 30.02 6.43 -20.77
CA THR A 190 28.93 5.65 -21.37
C THR A 190 28.12 4.86 -20.35
N ALA A 191 28.67 4.70 -19.15
CA ALA A 191 27.99 3.97 -18.09
C ALA A 191 28.61 4.40 -16.77
N CYS A 192 27.82 4.34 -15.70
CA CYS A 192 28.31 4.75 -14.40
C CYS A 192 27.46 4.17 -13.30
N THR A 193 28.12 3.91 -12.16
CA THR A 193 27.46 3.39 -10.99
C THR A 193 28.34 3.83 -9.84
N ASP A 194 27.87 3.73 -8.61
CA ASP A 194 28.74 4.09 -7.52
C ASP A 194 29.10 2.78 -6.86
N VAL A 195 30.16 2.77 -6.06
CA VAL A 195 30.62 1.57 -5.40
C VAL A 195 30.17 1.56 -3.95
N THR A 196 29.28 0.63 -3.60
CA THR A 196 28.80 0.54 -2.23
C THR A 196 28.90 -0.88 -1.64
N GLY A 197 27.80 -1.32 -1.05
CA GLY A 197 27.75 -2.62 -0.40
C GLY A 197 28.17 -3.85 -1.17
N PHE A 198 28.01 -3.84 -2.50
CA PHE A 198 28.38 -5.01 -3.29
C PHE A 198 29.87 -5.14 -3.59
N GLY A 199 30.67 -4.16 -3.17
CA GLY A 199 32.11 -4.22 -3.42
C GLY A 199 32.45 -3.75 -4.83
N LEU A 200 33.73 -3.50 -5.08
CA LEU A 200 34.17 -3.04 -6.41
C LEU A 200 33.82 -4.07 -7.49
N LEU A 201 34.17 -5.32 -7.26
CA LEU A 201 33.89 -6.37 -8.24
C LEU A 201 32.39 -6.50 -8.55
N GLY A 202 31.57 -6.47 -7.50
CA GLY A 202 30.13 -6.58 -7.68
C GLY A 202 29.53 -5.45 -8.48
N HIS A 203 29.90 -4.22 -8.17
CA HIS A 203 29.37 -3.07 -8.91
C HIS A 203 29.92 -3.04 -10.34
N ALA A 204 31.15 -3.53 -10.52
CA ALA A 204 31.74 -3.57 -11.85
C ALA A 204 30.94 -4.63 -12.64
N TRP A 205 30.59 -5.73 -11.97
CA TRP A 205 29.83 -6.79 -12.63
C TRP A 205 28.45 -6.30 -13.04
N ASN A 206 27.89 -5.36 -12.27
CA ASN A 206 26.58 -4.81 -12.58
C ASN A 206 26.62 -4.11 -13.94
N ILE A 207 27.73 -3.46 -14.22
CA ILE A 207 27.89 -2.77 -15.50
C ILE A 207 28.07 -3.81 -16.60
N CYS A 208 28.85 -4.85 -16.30
CA CYS A 208 29.09 -5.94 -17.25
C CYS A 208 27.78 -6.64 -17.65
N LYS A 209 26.98 -7.02 -16.65
CA LYS A 209 25.71 -7.69 -16.91
C LYS A 209 24.73 -6.82 -17.71
N ASN A 210 24.49 -5.61 -17.24
CA ASN A 210 23.55 -4.73 -17.90
C ASN A 210 24.02 -4.25 -19.26
N SER A 211 25.34 -4.22 -19.48
CA SER A 211 25.89 -3.79 -20.76
C SER A 211 26.22 -5.03 -21.59
N ASN A 212 26.02 -6.20 -20.99
CA ASN A 212 26.29 -7.47 -21.65
C ASN A 212 27.72 -7.44 -22.19
N ILE A 213 28.67 -7.21 -21.28
CA ILE A 213 30.06 -7.14 -21.67
C ILE A 213 30.92 -7.66 -20.51
N GLY A 214 32.24 -7.57 -20.64
CA GLY A 214 33.11 -8.04 -19.58
C GLY A 214 34.07 -6.98 -19.07
N ALA A 215 34.77 -7.28 -17.99
CA ALA A 215 35.71 -6.31 -17.43
C ALA A 215 37.03 -6.96 -17.03
N ARG A 216 38.11 -6.20 -17.19
CA ARG A 216 39.43 -6.67 -16.80
C ARG A 216 39.98 -5.64 -15.83
N ILE A 217 40.14 -6.04 -14.59
CA ILE A 217 40.64 -5.16 -13.54
C ILE A 217 42.04 -5.53 -13.07
N PHE A 218 42.89 -4.52 -12.97
CA PHE A 218 44.28 -4.70 -12.53
C PHE A 218 44.41 -4.30 -11.06
N PHE A 219 44.56 -5.31 -10.20
CA PHE A 219 44.68 -5.06 -8.77
C PHE A 219 45.69 -3.98 -8.40
N GLU A 220 46.87 -4.00 -9.03
CA GLU A 220 47.88 -3.00 -8.72
C GLU A 220 47.51 -1.56 -9.09
N LYS A 221 46.41 -1.39 -9.82
CA LYS A 221 45.96 -0.04 -10.20
C LYS A 221 44.80 0.45 -9.31
N VAL A 222 44.21 -0.47 -8.55
CA VAL A 222 43.09 -0.13 -7.67
C VAL A 222 43.52 0.60 -6.40
N PRO A 223 42.90 1.77 -6.14
CA PRO A 223 43.26 2.53 -4.93
C PRO A 223 42.55 1.95 -3.70
N TYR A 224 43.28 1.81 -2.61
CA TYR A 224 42.69 1.30 -1.37
C TYR A 224 43.54 1.73 -0.20
N TYR A 225 42.95 1.78 0.99
CA TYR A 225 43.67 2.16 2.19
C TYR A 225 44.67 1.10 2.57
N GLN A 226 45.92 1.51 2.79
CA GLN A 226 46.96 0.55 3.16
C GLN A 226 46.57 -0.19 4.44
N LEU A 227 45.92 0.50 5.36
CA LEU A 227 45.45 -0.12 6.59
C LEU A 227 44.47 -1.25 6.28
N SER A 228 43.73 -1.13 5.17
CA SER A 228 42.76 -2.16 4.78
C SER A 228 43.46 -3.45 4.37
N GLU A 229 44.61 -3.32 3.71
CA GLU A 229 45.38 -4.47 3.29
C GLU A 229 45.96 -5.17 4.52
N ASN A 230 46.45 -4.36 5.45
CA ASN A 230 47.04 -4.85 6.69
C ASN A 230 46.05 -5.72 7.46
N LEU A 231 44.78 -5.32 7.46
CA LEU A 231 43.76 -6.06 8.18
C LEU A 231 43.26 -7.32 7.48
N VAL A 232 43.00 -7.28 6.18
CA VAL A 232 42.52 -8.48 5.49
C VAL A 232 43.49 -9.63 5.65
N LYS A 233 44.78 -9.33 5.59
CA LYS A 233 45.79 -10.35 5.73
C LYS A 233 45.66 -11.00 7.11
N LYS A 234 45.30 -10.21 8.11
CA LYS A 234 45.15 -10.71 9.47
C LYS A 234 43.77 -11.31 9.70
N LYS A 235 43.09 -11.69 8.62
CA LYS A 235 41.75 -12.29 8.71
C LYS A 235 40.69 -11.33 9.24
N ILE A 236 40.99 -10.03 9.16
CA ILE A 236 40.04 -9.02 9.63
C ILE A 236 39.26 -8.42 8.46
N TYR A 237 38.02 -8.87 8.29
CA TYR A 237 37.17 -8.37 7.21
C TYR A 237 35.71 -8.71 7.47
N PRO A 238 34.77 -7.90 6.95
CA PRO A 238 33.33 -8.09 7.11
C PRO A 238 32.89 -9.34 6.37
N LYS A 239 31.80 -9.95 6.84
CA LYS A 239 31.32 -11.15 6.17
C LYS A 239 30.72 -10.79 4.82
N GLY A 240 30.32 -9.52 4.68
CA GLY A 240 29.74 -9.07 3.44
C GLY A 240 30.74 -9.23 2.30
N ALA A 241 32.02 -9.22 2.63
CA ALA A 241 33.08 -9.38 1.65
C ALA A 241 33.04 -10.80 1.08
N ILE A 242 32.84 -11.78 1.96
CA ILE A 242 32.78 -13.17 1.55
C ILE A 242 31.57 -13.39 0.67
N GLU A 243 30.44 -12.81 1.06
CA GLU A 243 29.21 -12.94 0.30
C GLU A 243 29.39 -12.37 -1.10
N ASN A 244 29.94 -11.16 -1.17
CA ASN A 244 30.17 -10.51 -2.45
C ASN A 244 31.05 -11.35 -3.34
N LEU A 245 32.14 -11.87 -2.80
CA LEU A 245 33.05 -12.70 -3.59
C LEU A 245 32.27 -13.90 -4.14
N ASN A 246 31.51 -14.56 -3.29
CA ASN A 246 30.72 -15.72 -3.70
C ASN A 246 29.68 -15.36 -4.76
N PHE A 247 29.17 -14.13 -4.68
CA PHE A 247 28.17 -13.66 -5.64
C PHE A 247 28.77 -13.55 -7.04
N VAL A 248 30.09 -13.31 -7.12
CA VAL A 248 30.76 -13.16 -8.41
C VAL A 248 31.68 -14.32 -8.79
N LYS A 249 31.71 -15.37 -7.98
CA LYS A 249 32.55 -16.52 -8.26
C LYS A 249 32.18 -17.25 -9.55
N ASN A 250 30.92 -17.17 -9.95
CA ASN A 250 30.47 -17.84 -11.16
C ASN A 250 30.90 -17.12 -12.43
N TYR A 251 31.42 -15.89 -12.28
CA TYR A 251 31.84 -15.10 -13.44
C TYR A 251 33.22 -14.49 -13.22
N LEU A 252 33.97 -15.03 -12.27
CA LEU A 252 35.29 -14.48 -11.95
C LEU A 252 36.46 -15.36 -12.35
N LYS A 253 37.43 -14.76 -13.03
CA LYS A 253 38.65 -15.43 -13.46
C LYS A 253 39.83 -14.67 -12.89
N SER A 254 40.56 -15.28 -11.96
CA SER A 254 41.71 -14.63 -11.33
C SER A 254 42.63 -15.64 -10.65
N ASN A 255 43.92 -15.33 -10.64
CA ASN A 255 44.91 -16.20 -10.02
C ASN A 255 45.57 -15.46 -8.86
N LEU A 256 44.95 -14.37 -8.43
CA LEU A 256 45.48 -13.56 -7.34
C LEU A 256 45.21 -14.15 -5.96
N ASP A 257 46.05 -13.80 -4.99
CA ASP A 257 45.91 -14.28 -3.61
C ASP A 257 44.51 -13.91 -3.11
N ASN A 258 43.94 -14.77 -2.27
CA ASN A 258 42.60 -14.54 -1.74
C ASN A 258 42.41 -13.21 -1.02
N TRP A 259 43.41 -12.74 -0.29
CA TRP A 259 43.25 -11.48 0.44
C TRP A 259 43.01 -10.33 -0.53
N LYS A 260 43.50 -10.47 -1.76
CA LYS A 260 43.33 -9.45 -2.78
C LYS A 260 41.89 -9.47 -3.29
N LEU A 261 41.35 -10.67 -3.48
CA LEU A 261 39.99 -10.82 -3.95
C LEU A 261 39.00 -10.42 -2.86
N ILE A 262 39.40 -10.59 -1.60
CA ILE A 262 38.54 -10.22 -0.48
C ILE A 262 38.49 -8.69 -0.42
N LEU A 263 39.65 -8.06 -0.53
CA LEU A 263 39.72 -6.59 -0.50
C LEU A 263 38.85 -6.03 -1.63
N LEU A 264 39.00 -6.59 -2.83
CA LEU A 264 38.24 -6.15 -3.99
C LEU A 264 36.73 -6.34 -3.83
N SER A 265 36.32 -7.28 -2.99
CA SER A 265 34.89 -7.55 -2.78
C SER A 265 34.36 -6.86 -1.52
N ASP A 266 35.25 -6.24 -0.74
CA ASP A 266 34.86 -5.57 0.49
C ASP A 266 33.77 -4.51 0.33
N PRO A 267 32.67 -4.63 1.10
CA PRO A 267 31.57 -3.67 1.02
C PRO A 267 32.11 -2.26 1.27
N VAL A 268 31.72 -1.31 0.42
CA VAL A 268 32.17 0.06 0.57
C VAL A 268 31.03 0.95 1.02
N THR A 269 31.36 1.95 1.83
CA THR A 269 30.35 2.90 2.30
C THR A 269 30.65 4.26 1.68
N SER A 270 29.64 4.81 1.01
CA SER A 270 29.76 6.12 0.37
C SER A 270 31.03 6.16 -0.50
N GLY A 271 31.16 5.18 -1.39
CA GLY A 271 32.32 5.09 -2.26
C GLY A 271 32.31 6.04 -3.44
N GLY A 272 33.32 5.93 -4.30
CA GLY A 272 33.38 6.83 -5.45
C GLY A 272 32.54 6.34 -6.62
N LEU A 273 32.58 7.07 -7.72
CA LEU A 273 31.86 6.63 -8.91
C LEU A 273 32.77 5.70 -9.69
N LEU A 274 32.16 4.77 -10.39
CA LEU A 274 32.87 3.81 -11.24
C LEU A 274 32.25 3.98 -12.62
N PHE A 275 33.02 4.50 -13.58
CA PHE A 275 32.47 4.72 -14.91
C PHE A 275 33.39 4.36 -16.08
N THR A 276 32.81 4.25 -17.26
CA THR A 276 33.55 3.88 -18.47
C THR A 276 33.67 5.00 -19.49
N ILE A 277 34.87 5.18 -20.04
CA ILE A 277 35.12 6.23 -21.04
C ILE A 277 35.95 5.69 -22.20
N ASN A 278 35.92 6.39 -23.33
CA ASN A 278 36.71 5.99 -24.48
C ASN A 278 38.16 6.34 -24.20
N LYS A 279 39.08 5.57 -24.77
CA LYS A 279 40.51 5.78 -24.57
C LYS A 279 41.00 7.18 -24.93
N GLU A 280 40.42 7.79 -25.96
CA GLU A 280 40.83 9.11 -26.39
C GLU A 280 40.69 10.14 -25.27
N LYS A 281 39.74 9.92 -24.37
CA LYS A 281 39.50 10.85 -23.28
C LYS A 281 40.65 11.01 -22.29
N LEU A 282 41.66 10.14 -22.37
CA LEU A 282 42.80 10.24 -21.46
C LEU A 282 43.57 11.54 -21.68
N GLU A 283 43.44 12.09 -22.89
CA GLU A 283 44.11 13.33 -23.24
C GLU A 283 43.81 14.50 -22.31
N LYS A 284 42.59 14.58 -21.81
CA LYS A 284 42.22 15.68 -20.93
C LYS A 284 41.70 15.29 -19.55
N ILE A 285 41.75 14.01 -19.22
CA ILE A 285 41.25 13.57 -17.92
C ILE A 285 41.99 14.21 -16.74
N ASP A 286 43.32 14.22 -16.79
CA ASP A 286 44.07 14.79 -15.67
C ASP A 286 43.81 16.27 -15.44
N GLU A 287 43.83 17.06 -16.52
CA GLU A 287 43.59 18.49 -16.42
C GLU A 287 42.19 18.78 -15.88
N THR A 288 41.20 18.07 -16.39
CA THR A 288 39.82 18.25 -15.96
C THR A 288 39.63 17.92 -14.48
N ALA A 289 40.22 16.80 -14.03
CA ALA A 289 40.11 16.37 -12.64
C ALA A 289 40.68 17.43 -11.70
N LYS A 290 41.86 17.96 -12.04
CA LYS A 290 42.48 18.98 -11.19
C LYS A 290 41.60 20.21 -11.10
N GLU A 291 40.97 20.57 -12.23
CA GLU A 291 40.10 21.74 -12.26
C GLU A 291 38.87 21.50 -11.39
N LEU A 292 38.32 20.29 -11.46
CA LEU A 292 37.14 19.94 -10.69
C LEU A 292 37.49 19.61 -9.26
N GLU A 293 38.78 19.41 -9.01
CA GLU A 293 39.28 19.08 -7.69
C GLU A 293 38.82 17.69 -7.22
N VAL A 294 38.94 16.71 -8.10
CA VAL A 294 38.55 15.34 -7.78
C VAL A 294 39.63 14.36 -8.25
N ASN A 295 39.82 13.28 -7.49
CA ASN A 295 40.78 12.26 -7.82
C ASN A 295 40.19 11.20 -8.74
N TYR A 296 41.06 10.46 -9.43
CA TYR A 296 40.61 9.41 -10.32
C TYR A 296 41.72 8.38 -10.49
N TRP A 297 41.33 7.15 -10.78
CA TRP A 297 42.26 6.05 -10.99
C TRP A 297 41.72 5.23 -12.14
N ILE A 298 42.60 4.86 -13.06
CA ILE A 298 42.22 4.03 -14.20
C ILE A 298 42.56 2.63 -13.74
N ILE A 299 41.54 1.83 -13.45
CA ILE A 299 41.74 0.48 -12.92
C ILE A 299 41.63 -0.69 -13.90
N GLY A 300 41.22 -0.41 -15.13
CA GLY A 300 41.10 -1.50 -16.08
C GLY A 300 40.39 -1.10 -17.37
N GLU A 301 39.89 -2.10 -18.07
CA GLU A 301 39.21 -1.87 -19.34
C GLU A 301 38.12 -2.91 -19.53
N THR A 302 37.17 -2.62 -20.41
CA THR A 302 36.09 -3.55 -20.69
C THR A 302 36.51 -4.46 -21.85
N ILE A 303 36.02 -5.69 -21.82
CA ILE A 303 36.33 -6.66 -22.86
C ILE A 303 35.04 -7.30 -23.38
N ALA A 304 35.13 -8.03 -24.48
CA ALA A 304 33.96 -8.66 -25.07
C ALA A 304 33.39 -9.84 -24.29
N GLU A 305 34.26 -10.71 -23.80
CA GLU A 305 33.81 -11.86 -23.04
C GLU A 305 33.04 -11.42 -21.79
N ASN A 306 31.87 -12.01 -21.59
CA ASN A 306 31.01 -11.67 -20.44
C ASN A 306 31.53 -12.27 -19.15
N VAL A 307 32.72 -11.84 -18.74
CA VAL A 307 33.33 -12.33 -17.51
C VAL A 307 34.08 -11.22 -16.79
N LEU A 308 34.53 -11.51 -15.59
CA LEU A 308 35.27 -10.55 -14.77
C LEU A 308 36.67 -11.10 -14.58
N GLU A 309 37.68 -10.40 -15.13
CA GLU A 309 39.06 -10.82 -14.99
C GLU A 309 39.80 -9.87 -14.07
N VAL A 310 40.58 -10.42 -13.14
CA VAL A 310 41.35 -9.61 -12.21
C VAL A 310 42.77 -10.12 -12.19
N LEU A 311 43.73 -9.26 -12.50
CA LEU A 311 45.13 -9.68 -12.51
C LEU A 311 46.10 -8.63 -11.97
N GLY B 3 -0.34 42.09 -14.73
CA GLY B 3 0.88 42.86 -14.37
C GLY B 3 1.84 42.05 -13.52
N PHE B 4 2.30 42.65 -12.42
CA PHE B 4 3.21 41.97 -11.52
C PHE B 4 2.40 41.13 -10.53
N ASN B 5 2.73 39.84 -10.44
CA ASN B 5 2.01 38.93 -9.56
C ASN B 5 2.95 38.05 -8.73
N ILE B 6 2.55 37.80 -7.48
CA ILE B 6 3.31 36.95 -6.57
C ILE B 6 2.32 35.98 -5.91
N TYR B 7 2.62 34.68 -5.98
CA TYR B 7 1.76 33.67 -5.39
C TYR B 7 2.57 32.63 -4.64
N THR B 8 2.15 32.33 -3.40
CA THR B 8 2.83 31.33 -2.60
C THR B 8 1.84 30.24 -2.16
N ASP B 9 2.39 29.05 -1.90
CA ASP B 9 1.59 27.91 -1.48
C ASP B 9 2.48 27.08 -0.55
N GLU B 10 1.90 26.62 0.56
CA GLU B 10 2.65 25.80 1.51
C GLU B 10 1.72 24.86 2.24
N SER B 11 2.21 23.66 2.54
CA SER B 11 1.41 22.70 3.26
C SER B 11 2.30 21.77 4.05
N THR B 12 1.76 21.25 5.15
CA THR B 12 2.47 20.33 6.02
C THR B 12 1.52 19.19 6.37
N LEU B 13 2.05 17.98 6.36
CA LEU B 13 1.28 16.80 6.68
C LEU B 13 2.03 16.01 7.74
N VAL B 14 1.36 15.75 8.86
CA VAL B 14 1.95 14.98 9.95
C VAL B 14 1.06 13.78 10.21
N SER B 15 1.67 12.59 10.18
CA SER B 15 0.95 11.34 10.39
C SER B 15 1.56 10.58 11.55
N ILE B 16 0.73 10.17 12.51
CA ILE B 16 1.20 9.43 13.67
C ILE B 16 0.74 7.97 13.63
N ASP B 19 -4.39 5.89 9.39
CA ASP B 19 -5.12 6.96 8.74
C ASP B 19 -5.38 8.08 9.75
N ALA B 20 -4.34 8.45 10.48
CA ALA B 20 -4.43 9.50 11.50
C ALA B 20 -3.40 10.58 11.26
N GLY B 21 -3.80 11.84 11.39
CA GLY B 21 -2.85 12.92 11.18
C GLY B 21 -3.43 14.32 11.18
N VAL B 22 -2.56 15.29 10.91
CA VAL B 22 -2.94 16.69 10.86
C VAL B 22 -2.37 17.24 9.55
N TYR B 23 -3.16 18.07 8.88
CA TYR B 23 -2.77 18.66 7.61
C TYR B 23 -3.03 20.15 7.65
N GLU B 24 -2.02 20.94 7.30
CA GLU B 24 -2.13 22.39 7.29
C GLU B 24 -1.86 22.85 5.85
N HIS B 25 -2.68 23.78 5.36
CA HIS B 25 -2.51 24.28 3.99
C HIS B 25 -3.00 25.72 3.87
N ASN B 26 -2.05 26.62 3.63
CA ASN B 26 -2.34 28.05 3.48
C ASN B 26 -3.30 28.60 4.54
N GLY B 27 -3.02 28.33 5.81
CA GLY B 27 -3.88 28.85 6.86
C GLY B 27 -4.96 27.95 7.45
N ILE B 28 -5.37 26.90 6.75
CA ILE B 28 -6.40 26.02 7.31
C ILE B 28 -5.79 24.75 7.87
N ILE B 29 -6.36 24.25 8.96
CA ILE B 29 -5.87 23.02 9.58
C ILE B 29 -6.95 21.94 9.54
N TRP B 30 -6.61 20.77 9.01
CA TRP B 30 -7.53 19.63 8.97
C TRP B 30 -6.96 18.55 9.89
N VAL B 31 -7.85 17.81 10.56
CA VAL B 31 -7.43 16.71 11.42
C VAL B 31 -8.14 15.47 10.93
N TYR B 32 -7.43 14.34 10.89
CA TYR B 32 -8.00 13.09 10.42
C TYR B 32 -7.81 12.06 11.53
N THR B 33 -8.86 11.31 11.81
CA THR B 33 -8.81 10.30 12.85
C THR B 33 -9.56 9.06 12.42
N VAL B 34 -9.30 7.94 13.10
CA VAL B 34 -9.98 6.69 12.80
C VAL B 34 -10.27 6.02 14.13
N ASP B 35 -11.51 5.54 14.30
CA ASP B 35 -11.86 4.90 15.55
C ASP B 35 -12.96 3.87 15.37
N ILE B 36 -12.65 2.61 15.67
CA ILE B 36 -13.63 1.53 15.54
C ILE B 36 -13.75 0.76 16.85
N ILE B 37 -14.96 0.37 17.21
CA ILE B 37 -15.17 -0.36 18.45
C ILE B 37 -16.05 -1.59 18.30
N THR B 38 -15.98 -2.47 19.29
CA THR B 38 -16.78 -3.69 19.32
C THR B 38 -18.11 -3.29 19.93
N PRO B 39 -19.16 -4.10 19.70
CA PRO B 39 -20.48 -3.80 20.25
C PRO B 39 -20.43 -3.53 21.75
N VAL B 40 -21.19 -2.55 22.22
CA VAL B 40 -21.23 -2.23 23.65
C VAL B 40 -22.62 -2.45 24.22
N VAL B 41 -23.61 -2.53 23.34
CA VAL B 41 -24.98 -2.79 23.74
C VAL B 41 -25.56 -3.79 22.73
N ASN B 42 -26.56 -4.55 23.15
CA ASN B 42 -27.18 -5.54 22.28
C ASN B 42 -28.20 -4.95 21.31
N ASP B 43 -28.04 -3.67 20.97
CA ASP B 43 -28.94 -2.98 20.05
C ASP B 43 -28.10 -2.37 18.93
N PRO B 44 -28.17 -2.95 17.72
CA PRO B 44 -27.44 -2.49 16.54
C PRO B 44 -27.49 -0.99 16.30
N TYR B 45 -28.69 -0.41 16.44
CA TYR B 45 -28.86 1.02 16.23
C TYR B 45 -28.04 1.82 17.23
N LEU B 46 -28.14 1.46 18.51
CA LEU B 46 -27.41 2.15 19.55
C LEU B 46 -25.90 2.02 19.34
N TRP B 47 -25.48 0.85 18.88
CA TRP B 47 -24.07 0.60 18.62
C TRP B 47 -23.55 1.52 17.51
N GLY B 48 -24.36 1.70 16.46
CA GLY B 48 -23.96 2.57 15.37
C GLY B 48 -23.86 4.01 15.86
N ALA B 49 -24.84 4.42 16.63
CA ALA B 49 -24.89 5.78 17.16
C ALA B 49 -23.75 6.06 18.14
N ILE B 50 -23.50 5.12 19.06
CA ILE B 50 -22.45 5.28 20.05
C ILE B 50 -21.06 5.27 19.40
N SER B 51 -20.85 4.33 18.49
CA SER B 51 -19.57 4.24 17.80
C SER B 51 -19.28 5.56 17.07
N THR B 52 -20.32 6.14 16.49
CA THR B 52 -20.20 7.40 15.76
C THR B 52 -19.84 8.54 16.71
N ALA B 53 -20.56 8.66 17.82
CA ALA B 53 -20.26 9.71 18.78
C ALA B 53 -18.81 9.53 19.24
N ASN B 54 -18.41 8.27 19.49
CA ASN B 54 -17.04 7.96 19.94
C ASN B 54 -15.97 8.39 18.93
N ALA B 55 -16.21 8.11 17.66
CA ALA B 55 -15.25 8.45 16.60
C ALA B 55 -15.15 9.95 16.38
N LEU B 56 -16.29 10.65 16.42
CA LEU B 56 -16.31 12.10 16.25
C LEU B 56 -15.57 12.79 17.40
N SER B 57 -15.61 12.18 18.58
CA SER B 57 -14.93 12.75 19.74
C SER B 57 -13.41 12.91 19.51
N ASP B 58 -12.81 12.02 18.72
CA ASP B 58 -11.38 12.14 18.44
C ASP B 58 -11.13 13.53 17.85
N VAL B 59 -12.04 13.96 16.98
CA VAL B 59 -11.92 15.28 16.35
C VAL B 59 -12.26 16.42 17.30
N TYR B 60 -13.38 16.29 18.03
CA TYR B 60 -13.79 17.33 18.98
C TYR B 60 -12.67 17.60 19.99
N ALA B 61 -12.04 16.52 20.46
CA ALA B 61 -10.97 16.63 21.45
C ALA B 61 -9.78 17.48 20.96
N MET B 62 -9.63 17.59 19.64
CA MET B 62 -8.54 18.39 19.08
C MET B 62 -9.02 19.82 18.80
N GLY B 63 -10.28 20.09 19.16
CA GLY B 63 -10.85 21.40 18.94
C GLY B 63 -11.46 21.44 17.55
N GLY B 64 -11.51 20.28 16.90
CA GLY B 64 -12.04 20.22 15.55
C GLY B 64 -13.54 20.24 15.36
N ILE B 65 -13.93 20.62 14.14
CA ILE B 65 -15.31 20.67 13.68
C ILE B 65 -15.38 19.54 12.65
N PRO B 66 -16.07 18.42 12.97
CA PRO B 66 -16.16 17.31 12.01
C PRO B 66 -16.84 17.79 10.74
N VAL B 67 -16.34 17.35 9.60
CA VAL B 67 -16.91 17.75 8.31
C VAL B 67 -17.50 16.56 7.55
N ASN B 68 -16.72 15.49 7.42
CA ASN B 68 -17.21 14.30 6.72
C ASN B 68 -16.58 13.05 7.32
N ALA B 69 -17.07 11.90 6.88
CA ALA B 69 -16.56 10.64 7.39
C ALA B 69 -16.85 9.45 6.47
N LEU B 70 -16.17 8.34 6.76
CA LEU B 70 -16.34 7.10 6.04
C LEU B 70 -16.58 6.01 7.08
N ALA B 71 -17.59 5.18 6.83
CA ALA B 71 -17.92 4.10 7.75
C ALA B 71 -16.87 3.01 7.59
N ILE B 72 -16.54 2.35 8.69
CA ILE B 72 -15.54 1.28 8.66
C ILE B 72 -16.08 0.10 9.47
N SER B 73 -16.10 -1.07 8.84
CA SER B 73 -16.57 -2.28 9.51
C SER B 73 -16.04 -3.52 8.84
N CYS B 74 -16.19 -4.65 9.52
CA CYS B 74 -15.71 -5.93 9.00
C CYS B 74 -16.74 -6.62 8.12
N PHE B 75 -17.63 -5.82 7.54
CA PHE B 75 -18.67 -6.28 6.63
C PHE B 75 -18.23 -7.53 5.84
N ASN B 76 -19.13 -8.49 5.70
CA ASN B 76 -18.84 -9.72 4.96
C ASN B 76 -17.81 -10.62 5.64
N ASN B 77 -16.93 -10.02 6.45
CA ASN B 77 -15.89 -10.80 7.12
C ASN B 77 -16.24 -11.22 8.55
N CYS B 78 -17.23 -10.57 9.15
CA CYS B 78 -17.65 -10.91 10.51
C CYS B 78 -19.14 -11.23 10.56
N GLU B 83 -28.31 -7.79 7.71
CA GLU B 83 -29.45 -7.02 8.19
C GLU B 83 -29.13 -6.21 9.44
N ILE B 84 -28.21 -6.71 10.26
CA ILE B 84 -27.83 -6.02 11.47
C ILE B 84 -27.09 -4.72 11.17
N PHE B 85 -26.20 -4.76 10.18
CA PHE B 85 -25.45 -3.56 9.81
C PHE B 85 -26.36 -2.48 9.27
N ARG B 86 -27.54 -2.88 8.81
CA ARG B 86 -28.48 -1.91 8.27
C ARG B 86 -28.94 -1.01 9.40
N GLU B 87 -29.15 -1.59 10.58
CA GLU B 87 -29.56 -0.84 11.76
C GLU B 87 -28.35 -0.06 12.32
N VAL B 88 -27.17 -0.65 12.17
CA VAL B 88 -25.95 0.00 12.63
C VAL B 88 -25.74 1.30 11.86
N ILE B 89 -25.88 1.22 10.53
CA ILE B 89 -25.70 2.39 9.68
C ILE B 89 -26.79 3.43 9.94
N ARG B 90 -28.01 2.95 10.17
CA ARG B 90 -29.13 3.83 10.45
C ARG B 90 -28.80 4.67 11.70
N GLY B 91 -28.24 4.00 12.70
CA GLY B 91 -27.88 4.70 13.93
C GLY B 91 -26.73 5.65 13.69
N ALA B 92 -25.78 5.24 12.88
CA ALA B 92 -24.62 6.09 12.57
C ALA B 92 -25.07 7.33 11.79
N LEU B 93 -25.98 7.13 10.84
CA LEU B 93 -26.47 8.25 10.04
C LEU B 93 -27.20 9.29 10.89
N ASP B 94 -28.01 8.83 11.83
CA ASP B 94 -28.73 9.74 12.70
C ASP B 94 -27.76 10.58 13.53
N LYS B 95 -26.76 9.94 14.11
CA LYS B 95 -25.79 10.67 14.92
C LYS B 95 -24.95 11.61 14.04
N LEU B 96 -24.63 11.18 12.82
CA LEU B 96 -23.87 12.04 11.90
C LEU B 96 -24.68 13.28 11.52
N ARG B 97 -25.98 13.08 11.29
CA ARG B 97 -26.85 14.20 10.93
C ARG B 97 -26.90 15.18 12.10
N GLU B 98 -27.01 14.65 13.31
CA GLU B 98 -27.03 15.51 14.50
C GLU B 98 -25.72 16.30 14.54
N ALA B 99 -24.62 15.64 14.19
CA ALA B 99 -23.29 16.28 14.19
C ALA B 99 -23.00 17.12 12.94
N LYS B 100 -23.97 17.19 12.03
CA LYS B 100 -23.79 17.95 10.80
C LYS B 100 -22.52 17.50 10.06
N THR B 101 -22.32 16.20 10.02
CA THR B 101 -21.16 15.59 9.35
C THR B 101 -21.67 14.70 8.21
N VAL B 102 -21.03 14.79 7.06
CA VAL B 102 -21.44 14.02 5.89
C VAL B 102 -20.78 12.63 5.77
N LEU B 103 -21.58 11.60 5.53
CA LEU B 103 -21.05 10.25 5.36
C LEU B 103 -20.73 10.11 3.86
N LEU B 104 -19.47 9.88 3.54
CA LEU B 104 -19.04 9.78 2.14
C LEU B 104 -19.00 8.37 1.56
N GLY B 105 -19.15 7.37 2.44
CA GLY B 105 -19.11 5.99 1.99
C GLY B 105 -18.61 5.05 3.08
N GLY B 106 -18.11 3.89 2.67
CA GLY B 106 -17.61 2.92 3.64
C GLY B 106 -16.50 2.05 3.10
N HIS B 107 -15.71 1.50 4.03
CA HIS B 107 -14.59 0.63 3.70
C HIS B 107 -14.67 -0.63 4.56
N THR B 108 -14.45 -1.79 3.94
CA THR B 108 -14.47 -3.06 4.66
C THR B 108 -13.07 -3.45 5.07
N ILE B 109 -12.94 -4.01 6.27
CA ILE B 109 -11.64 -4.45 6.78
C ILE B 109 -11.60 -5.96 6.98
N ASP B 110 -10.39 -6.52 6.96
CA ASP B 110 -10.20 -7.96 7.17
C ASP B 110 -10.14 -8.26 8.66
N ASP B 111 -11.27 -8.66 9.22
CA ASP B 111 -11.34 -8.97 10.64
C ASP B 111 -12.59 -9.81 10.89
N LYS B 112 -12.44 -10.83 11.75
CA LYS B 112 -13.56 -11.71 12.06
C LYS B 112 -14.30 -11.27 13.32
N GLU B 113 -13.68 -10.39 14.09
CA GLU B 113 -14.28 -9.87 15.32
C GLU B 113 -15.13 -8.66 14.98
N PRO B 114 -16.45 -8.75 15.21
CA PRO B 114 -17.41 -7.68 14.94
C PRO B 114 -16.99 -6.30 15.43
N LYS B 115 -16.69 -5.40 14.50
CA LYS B 115 -16.29 -4.05 14.85
C LYS B 115 -16.86 -3.02 13.88
N PHE B 116 -17.12 -1.82 14.38
CA PHE B 116 -17.64 -0.73 13.57
C PHE B 116 -17.14 0.62 14.07
N GLY B 117 -16.89 1.53 13.13
CA GLY B 117 -16.41 2.84 13.49
C GLY B 117 -16.37 3.75 12.29
N LEU B 118 -15.64 4.85 12.44
CA LEU B 118 -15.51 5.81 11.35
C LEU B 118 -14.12 6.38 11.25
N SER B 119 -13.80 6.86 10.06
CA SER B 119 -12.57 7.57 9.82
C SER B 119 -13.24 8.94 9.69
N VAL B 120 -12.68 9.96 10.33
CA VAL B 120 -13.31 11.28 10.29
C VAL B 120 -12.33 12.38 9.91
N ALA B 121 -12.84 13.38 9.19
CA ALA B 121 -12.04 14.53 8.78
C ALA B 121 -12.71 15.77 9.35
N GLY B 122 -11.93 16.59 10.05
CA GLY B 122 -12.46 17.81 10.62
C GLY B 122 -11.52 18.98 10.41
N ILE B 123 -12.01 20.17 10.71
CA ILE B 123 -11.27 21.43 10.57
C ILE B 123 -11.09 22.17 11.89
N CYS B 124 -9.93 22.81 12.05
CA CYS B 124 -9.59 23.61 13.23
C CYS B 124 -9.31 25.03 12.75
N PRO B 125 -10.34 25.88 12.72
CA PRO B 125 -10.21 27.28 12.27
C PRO B 125 -9.23 28.11 13.10
N GLU B 126 -8.85 29.26 12.53
CA GLU B 126 -7.95 30.22 13.16
C GLU B 126 -6.83 29.59 13.97
N GLY B 127 -6.30 28.47 13.49
CA GLY B 127 -5.22 27.80 14.19
C GLY B 127 -5.59 27.27 15.56
N LYS B 128 -6.88 27.10 15.82
CA LYS B 128 -7.30 26.59 17.12
C LYS B 128 -7.20 25.07 17.18
N TYR B 129 -5.96 24.59 17.12
CA TYR B 129 -5.65 23.17 17.16
C TYR B 129 -5.14 22.85 18.57
N ILE B 130 -5.85 21.95 19.25
CA ILE B 130 -5.48 21.58 20.62
C ILE B 130 -4.84 20.20 20.72
N THR B 131 -3.69 20.13 21.37
CA THR B 131 -2.97 18.87 21.53
C THR B 131 -2.96 18.40 22.99
N GLN B 132 -2.16 17.37 23.26
CA GLN B 132 -2.02 16.81 24.59
C GLN B 132 -0.68 17.22 25.21
N SER B 133 0.00 18.18 24.58
CA SER B 133 1.31 18.59 25.08
C SER B 133 1.48 20.04 25.52
N GLY B 134 0.39 20.80 25.59
CA GLY B 134 0.54 22.19 26.00
C GLY B 134 0.20 22.50 27.46
N ALA B 135 -0.03 21.46 28.26
CA ALA B 135 -0.37 21.65 29.67
C ALA B 135 0.79 22.18 30.49
N GLN B 136 0.49 23.05 31.44
CA GLN B 136 1.49 23.62 32.32
C GLN B 136 1.17 23.31 33.78
N VAL B 137 2.17 23.43 34.64
CA VAL B 137 1.99 23.17 36.07
C VAL B 137 0.99 24.11 36.73
N GLY B 138 0.24 23.60 37.69
CA GLY B 138 -0.72 24.43 38.41
C GLY B 138 -2.04 24.70 37.72
N GLN B 139 -2.37 23.92 36.70
CA GLN B 139 -3.64 24.12 35.98
C GLN B 139 -4.67 23.13 36.49
N LEU B 140 -5.94 23.40 36.21
CA LEU B 140 -7.01 22.51 36.65
C LEU B 140 -7.41 21.48 35.60
N LEU B 141 -7.73 20.28 36.07
CA LEU B 141 -8.17 19.18 35.21
C LEU B 141 -9.69 19.15 35.22
N ILE B 142 -10.27 19.32 34.04
CA ILE B 142 -11.72 19.35 33.87
C ILE B 142 -12.17 18.13 33.08
N LEU B 143 -13.23 17.47 33.54
CA LEU B 143 -13.77 16.29 32.86
C LEU B 143 -15.24 16.56 32.58
N THR B 144 -15.72 16.17 31.39
CA THR B 144 -17.12 16.46 31.02
C THR B 144 -18.14 15.32 30.97
N LYS B 145 -17.74 14.10 31.32
CA LYS B 145 -18.69 12.97 31.36
C LYS B 145 -18.21 12.02 32.44
N PRO B 146 -19.14 11.24 33.02
CA PRO B 146 -18.75 10.29 34.08
C PRO B 146 -17.94 9.15 33.48
N ILE B 147 -17.29 8.38 34.35
CA ILE B 147 -16.52 7.23 33.90
C ILE B 147 -17.22 6.01 34.51
N GLY B 148 -16.75 4.81 34.16
CA GLY B 148 -17.35 3.59 34.68
C GLY B 148 -18.15 2.76 33.68
N THR B 149 -18.17 3.17 32.41
CA THR B 149 -18.94 2.42 31.42
C THR B 149 -18.41 1.00 31.18
N GLY B 150 -17.08 0.84 31.23
CA GLY B 150 -16.49 -0.47 31.01
C GLY B 150 -17.03 -1.49 31.98
N ILE B 151 -17.17 -1.08 33.24
CA ILE B 151 -17.68 -1.94 34.30
C ILE B 151 -19.13 -2.30 34.00
N LEU B 152 -19.93 -1.30 33.61
CA LEU B 152 -21.34 -1.52 33.29
C LEU B 152 -21.52 -2.44 32.08
N ILE B 153 -20.69 -2.25 31.07
CA ILE B 153 -20.77 -3.06 29.86
C ILE B 153 -20.43 -4.52 30.16
N LYS B 154 -19.55 -4.75 31.12
CA LYS B 154 -19.20 -6.12 31.47
C LYS B 154 -20.39 -6.70 32.25
N GLY B 155 -20.95 -5.88 33.14
CA GLY B 155 -22.09 -6.31 33.93
C GLY B 155 -23.20 -6.79 33.02
N LEU B 156 -23.34 -6.13 31.86
CA LEU B 156 -24.34 -6.51 30.88
C LEU B 156 -23.99 -7.86 30.27
N LYS B 157 -22.74 -8.02 29.87
CA LYS B 157 -22.28 -9.25 29.25
C LYS B 157 -22.42 -10.44 30.20
N GLU B 158 -22.15 -10.23 31.47
CA GLU B 158 -22.24 -11.29 32.47
C GLU B 158 -23.71 -11.57 32.82
N GLY B 159 -24.62 -10.78 32.25
CA GLY B 159 -26.02 -10.96 32.54
C GLY B 159 -26.41 -10.48 33.93
N ILE B 160 -25.55 -9.67 34.55
CA ILE B 160 -25.82 -9.14 35.88
C ILE B 160 -26.72 -7.91 35.76
N LEU B 161 -26.60 -7.20 34.65
CA LEU B 161 -27.39 -6.01 34.41
C LEU B 161 -28.14 -6.14 33.11
N LYS B 162 -29.10 -5.26 32.91
CA LYS B 162 -29.88 -5.22 31.68
C LYS B 162 -29.76 -3.79 31.20
N GLU B 163 -29.94 -3.57 29.90
CA GLU B 163 -29.83 -2.22 29.34
C GLU B 163 -30.59 -1.14 30.12
N GLU B 164 -31.79 -1.48 30.59
CA GLU B 164 -32.60 -0.53 31.33
C GLU B 164 -31.94 -0.03 32.60
N ASP B 165 -31.05 -0.83 33.19
CA ASP B 165 -30.36 -0.41 34.40
C ASP B 165 -29.32 0.69 34.14
N ILE B 166 -28.80 0.73 32.93
CA ILE B 166 -27.76 1.70 32.58
C ILE B 166 -28.13 2.75 31.52
N ASN B 167 -29.39 3.20 31.55
CA ASN B 167 -29.85 4.19 30.61
C ASN B 167 -29.05 5.49 30.70
N GLU B 168 -28.61 5.85 31.90
CA GLU B 168 -27.84 7.08 32.09
C GLU B 168 -26.51 6.97 31.34
N ALA B 169 -25.86 5.82 31.43
CA ALA B 169 -24.59 5.58 30.77
C ALA B 169 -24.79 5.62 29.26
N ILE B 170 -25.86 4.96 28.79
CA ILE B 170 -26.15 4.95 27.36
C ILE B 170 -26.41 6.37 26.86
N GLU B 171 -27.11 7.17 27.65
CA GLU B 171 -27.39 8.55 27.26
C GLU B 171 -26.08 9.33 27.14
N ASN B 172 -25.15 9.09 28.06
CA ASN B 172 -23.87 9.77 28.02
C ASN B 172 -22.98 9.29 26.86
N MET B 173 -23.02 7.99 26.56
CA MET B 173 -22.21 7.45 25.45
C MET B 173 -22.73 7.99 24.11
N LEU B 174 -24.03 8.24 24.04
CA LEU B 174 -24.69 8.75 22.84
C LEU B 174 -24.39 10.24 22.59
N ALA B 175 -24.12 10.98 23.66
CA ALA B 175 -23.88 12.42 23.58
C ALA B 175 -22.60 12.86 22.86
N LEU B 176 -22.79 13.79 21.92
CA LEU B 176 -21.69 14.38 21.14
C LEU B 176 -20.84 15.28 22.04
N ASN B 177 -19.53 15.31 21.83
CA ASN B 177 -18.67 16.19 22.63
C ASN B 177 -18.49 17.56 21.97
N ASP B 178 -19.47 18.00 21.18
CA ASP B 178 -19.36 19.31 20.54
C ASP B 178 -19.51 20.46 21.54
N LYS B 179 -20.45 20.33 22.48
CA LYS B 179 -20.64 21.37 23.49
C LYS B 179 -19.41 21.41 24.40
N ALA B 180 -18.85 20.24 24.72
CA ALA B 180 -17.67 20.17 25.56
C ALA B 180 -16.48 20.84 24.89
N ARG B 181 -16.36 20.64 23.57
CA ARG B 181 -15.27 21.24 22.81
C ARG B 181 -15.40 22.77 22.91
N ASN B 182 -16.63 23.26 22.74
CA ASN B 182 -16.88 24.69 22.81
C ASN B 182 -16.50 25.27 24.18
N LEU B 183 -16.76 24.52 25.25
CA LEU B 183 -16.43 24.96 26.60
C LEU B 183 -14.91 25.02 26.73
N MET B 184 -14.27 23.93 26.29
CA MET B 184 -12.82 23.79 26.33
C MET B 184 -12.12 24.93 25.57
N LEU B 185 -12.62 25.28 24.40
CA LEU B 185 -12.05 26.36 23.59
C LEU B 185 -12.35 27.72 24.23
N SER B 186 -13.58 27.88 24.72
CA SER B 186 -13.99 29.12 25.34
C SER B 186 -13.11 29.48 26.56
N LEU B 187 -12.65 28.46 27.28
CA LEU B 187 -11.82 28.67 28.46
C LEU B 187 -10.33 28.65 28.10
N ASP B 188 -10.01 28.67 26.81
CA ASP B 188 -8.64 28.67 26.32
C ASP B 188 -7.80 27.54 26.91
N ALA B 189 -8.35 26.33 26.91
CA ALA B 189 -7.65 25.17 27.44
C ALA B 189 -6.29 25.01 26.75
N THR B 190 -5.28 24.63 27.53
CA THR B 190 -3.93 24.46 27.01
C THR B 190 -3.68 23.06 26.46
N ALA B 191 -4.49 22.10 26.88
CA ALA B 191 -4.36 20.73 26.42
C ALA B 191 -5.69 20.01 26.59
N CYS B 192 -5.92 19.00 25.74
CA CYS B 192 -7.18 18.25 25.78
C CYS B 192 -7.06 16.90 25.10
N THR B 193 -7.91 15.97 25.54
CA THR B 193 -7.96 14.63 24.99
C THR B 193 -9.33 14.11 25.40
N ASP B 194 -9.79 13.01 24.82
CA ASP B 194 -11.06 12.51 25.28
C ASP B 194 -10.72 11.25 26.06
N VAL B 195 -11.66 10.80 26.89
CA VAL B 195 -11.44 9.64 27.73
C VAL B 195 -12.11 8.41 27.14
N THR B 196 -11.29 7.45 26.71
CA THR B 196 -11.82 6.22 26.14
C THR B 196 -11.16 4.96 26.72
N GLY B 197 -10.65 4.10 25.84
CA GLY B 197 -10.05 2.84 26.25
C GLY B 197 -8.93 2.78 27.27
N PHE B 198 -8.16 3.86 27.42
CA PHE B 198 -7.07 3.83 28.38
C PHE B 198 -7.49 4.23 29.79
N GLY B 199 -8.78 4.50 29.98
CA GLY B 199 -9.24 4.88 31.30
C GLY B 199 -8.92 6.33 31.64
N LEU B 200 -9.49 6.84 32.71
CA LEU B 200 -9.25 8.23 33.10
C LEU B 200 -7.77 8.43 33.47
N LEU B 201 -7.20 7.51 34.23
CA LEU B 201 -5.80 7.62 34.63
C LEU B 201 -4.87 7.54 33.44
N GLY B 202 -5.17 6.65 32.50
CA GLY B 202 -4.33 6.50 31.32
C GLY B 202 -4.31 7.75 30.46
N HIS B 203 -5.47 8.32 30.18
CA HIS B 203 -5.51 9.53 29.35
C HIS B 203 -4.94 10.73 30.07
N ALA B 204 -5.12 10.79 31.38
CA ALA B 204 -4.55 11.90 32.16
C ALA B 204 -3.03 11.77 32.01
N TRP B 205 -2.54 10.54 32.13
CA TRP B 205 -1.10 10.28 32.02
C TRP B 205 -0.58 10.67 30.63
N ASN B 206 -1.41 10.45 29.61
CA ASN B 206 -1.02 10.82 28.25
C ASN B 206 -0.74 12.32 28.19
N ILE B 207 -1.58 13.10 28.87
CA ILE B 207 -1.39 14.54 28.89
C ILE B 207 -0.11 14.87 29.68
N CYS B 208 0.12 14.10 30.75
CA CYS B 208 1.31 14.29 31.60
C CYS B 208 2.60 13.99 30.86
N LYS B 209 2.65 12.88 30.13
CA LYS B 209 3.85 12.51 29.39
C LYS B 209 4.17 13.48 28.26
N ASN B 210 3.15 13.87 27.50
CA ASN B 210 3.33 14.77 26.38
C ASN B 210 3.58 16.22 26.78
N SER B 211 3.15 16.60 27.99
CA SER B 211 3.35 17.96 28.46
C SER B 211 4.52 18.03 29.44
N ASN B 212 5.11 16.87 29.74
CA ASN B 212 6.23 16.77 30.67
C ASN B 212 5.90 17.29 32.07
N ILE B 213 4.77 16.84 32.60
CA ILE B 213 4.34 17.23 33.94
C ILE B 213 3.62 16.06 34.59
N GLY B 214 3.01 16.32 35.75
CA GLY B 214 2.30 15.27 36.45
C GLY B 214 0.91 15.75 36.79
N ALA B 215 0.09 14.88 37.36
CA ALA B 215 -1.26 15.26 37.72
C ALA B 215 -1.69 14.70 39.07
N ARG B 216 -2.54 15.45 39.74
CA ARG B 216 -3.08 15.06 41.05
C ARG B 216 -4.60 14.97 40.87
N ILE B 217 -5.14 13.78 41.04
CA ILE B 217 -6.57 13.56 40.88
C ILE B 217 -7.20 13.16 42.22
N PHE B 218 -8.35 13.76 42.50
CA PHE B 218 -9.07 13.47 43.73
C PHE B 218 -10.24 12.55 43.41
N PHE B 219 -10.17 11.32 43.92
CA PHE B 219 -11.21 10.34 43.66
C PHE B 219 -12.60 10.84 44.00
N GLU B 220 -12.75 11.49 45.16
CA GLU B 220 -14.05 12.00 45.59
C GLU B 220 -14.63 13.09 44.67
N LYS B 221 -13.80 13.62 43.77
CA LYS B 221 -14.25 14.66 42.84
C LYS B 221 -14.53 14.10 41.44
N VAL B 222 -14.25 12.82 41.24
CA VAL B 222 -14.46 12.19 39.95
C VAL B 222 -15.88 11.64 39.76
N PRO B 223 -16.56 12.04 38.67
CA PRO B 223 -17.93 11.55 38.44
C PRO B 223 -17.93 10.13 37.87
N TYR B 224 -18.78 9.26 38.44
CA TYR B 224 -18.90 7.90 37.95
C TYR B 224 -20.24 7.33 38.36
N TYR B 225 -20.69 6.31 37.66
CA TYR B 225 -21.98 5.70 37.95
C TYR B 225 -21.96 4.87 39.23
N GLN B 226 -22.98 5.05 40.05
CA GLN B 226 -23.08 4.33 41.32
C GLN B 226 -22.95 2.82 41.07
N LEU B 227 -23.66 2.35 40.05
CA LEU B 227 -23.65 0.94 39.69
C LEU B 227 -22.26 0.44 39.29
N SER B 228 -21.39 1.35 38.85
CA SER B 228 -20.04 0.95 38.46
C SER B 228 -19.27 0.61 39.74
N GLU B 229 -19.53 1.40 40.78
CA GLU B 229 -18.88 1.19 42.08
C GLU B 229 -19.34 -0.13 42.69
N ASN B 230 -20.65 -0.37 42.65
CA ASN B 230 -21.22 -1.59 43.20
C ASN B 230 -20.61 -2.82 42.53
N LEU B 231 -20.52 -2.78 41.21
CA LEU B 231 -19.96 -3.90 40.47
C LEU B 231 -18.47 -4.12 40.66
N VAL B 232 -17.68 -3.05 40.67
CA VAL B 232 -16.24 -3.22 40.83
C VAL B 232 -15.88 -3.77 42.22
N LYS B 233 -16.67 -3.43 43.23
CA LYS B 233 -16.41 -3.91 44.57
C LYS B 233 -16.67 -5.42 44.65
N LYS B 234 -17.47 -5.95 43.71
CA LYS B 234 -17.76 -7.38 43.67
C LYS B 234 -16.91 -8.08 42.62
N LYS B 235 -15.76 -7.50 42.35
CA LYS B 235 -14.80 -8.06 41.40
C LYS B 235 -15.33 -8.16 39.96
N ILE B 236 -16.26 -7.29 39.62
CA ILE B 236 -16.82 -7.28 38.28
C ILE B 236 -16.24 -6.08 37.51
N TYR B 237 -15.32 -6.36 36.60
CA TYR B 237 -14.68 -5.31 35.80
C TYR B 237 -13.96 -5.91 34.60
N PRO B 238 -13.81 -5.12 33.52
CA PRO B 238 -13.13 -5.55 32.28
C PRO B 238 -11.64 -5.76 32.48
N LYS B 239 -11.01 -6.45 31.54
CA LYS B 239 -9.57 -6.71 31.62
C LYS B 239 -8.80 -5.45 31.29
N GLY B 240 -9.35 -4.66 30.37
CA GLY B 240 -8.71 -3.42 29.97
C GLY B 240 -8.42 -2.57 31.20
N ALA B 241 -9.28 -2.69 32.22
CA ALA B 241 -9.11 -1.92 33.46
C ALA B 241 -7.82 -2.30 34.15
N ILE B 242 -7.58 -3.61 34.26
CA ILE B 242 -6.37 -4.12 34.90
C ILE B 242 -5.16 -3.76 34.05
N GLU B 243 -5.33 -3.83 32.73
CA GLU B 243 -4.26 -3.50 31.78
C GLU B 243 -3.92 -2.02 31.87
N ASN B 244 -4.95 -1.19 32.06
CA ASN B 244 -4.73 0.25 32.17
C ASN B 244 -4.06 0.62 33.49
N LEU B 245 -4.54 0.02 34.57
CA LEU B 245 -3.99 0.29 35.90
C LEU B 245 -2.51 -0.10 35.97
N ASN B 246 -2.16 -1.23 35.36
CA ASN B 246 -0.79 -1.69 35.38
C ASN B 246 0.09 -0.82 34.49
N PHE B 247 -0.51 -0.25 33.45
CA PHE B 247 0.22 0.63 32.54
C PHE B 247 0.74 1.89 33.22
N VAL B 248 0.05 2.36 34.26
CA VAL B 248 0.47 3.57 34.96
C VAL B 248 1.04 3.30 36.35
N LYS B 249 1.05 2.03 36.75
CA LYS B 249 1.55 1.65 38.07
C LYS B 249 2.94 2.17 38.43
N ASN B 250 3.86 2.14 37.47
CA ASN B 250 5.22 2.61 37.74
C ASN B 250 5.34 4.12 37.80
N TYR B 251 4.21 4.82 37.79
CA TYR B 251 4.20 6.27 37.86
C TYR B 251 3.08 6.73 38.79
N LEU B 252 2.39 5.76 39.37
CA LEU B 252 1.26 6.02 40.26
C LEU B 252 1.60 6.09 41.75
N LYS B 253 1.09 7.13 42.41
CA LYS B 253 1.27 7.33 43.84
C LYS B 253 -0.11 7.44 44.47
N SER B 254 -0.49 6.44 45.26
CA SER B 254 -1.80 6.44 45.89
C SER B 254 -1.95 5.38 46.97
N ASN B 255 -2.67 5.73 48.04
CA ASN B 255 -2.92 4.82 49.15
C ASN B 255 -4.40 4.44 49.17
N LEU B 256 -5.09 4.64 48.05
CA LEU B 256 -6.51 4.32 47.96
C LEU B 256 -6.73 2.84 47.69
N ASP B 257 -7.88 2.33 48.12
CA ASP B 257 -8.24 0.93 47.90
C ASP B 257 -8.12 0.59 46.41
N ASN B 258 -7.83 -0.67 46.13
CA ASN B 258 -7.68 -1.14 44.76
C ASN B 258 -8.93 -0.95 43.90
N TRP B 259 -10.12 -1.08 44.48
CA TRP B 259 -11.33 -0.93 43.69
C TRP B 259 -11.45 0.48 43.11
N LYS B 260 -11.01 1.48 43.87
CA LYS B 260 -11.05 2.86 43.40
C LYS B 260 -10.07 3.08 42.26
N LEU B 261 -8.92 2.41 42.33
CA LEU B 261 -7.91 2.55 41.28
C LEU B 261 -8.36 1.81 40.01
N ILE B 262 -9.06 0.71 40.22
CA ILE B 262 -9.57 -0.08 39.10
C ILE B 262 -10.67 0.74 38.42
N LEU B 263 -11.54 1.35 39.21
CA LEU B 263 -12.62 2.17 38.66
C LEU B 263 -12.02 3.31 37.83
N LEU B 264 -11.04 4.00 38.40
CA LEU B 264 -10.36 5.10 37.72
C LEU B 264 -9.61 4.66 36.46
N SER B 265 -9.31 3.37 36.35
CA SER B 265 -8.59 2.86 35.19
C SER B 265 -9.53 2.19 34.19
N ASP B 266 -10.80 2.06 34.57
CA ASP B 266 -11.78 1.40 33.70
C ASP B 266 -11.92 2.01 32.30
N PRO B 267 -11.81 1.16 31.26
CA PRO B 267 -11.93 1.61 29.87
C PRO B 267 -13.27 2.29 29.66
N VAL B 268 -13.25 3.49 29.11
CA VAL B 268 -14.50 4.21 28.88
C VAL B 268 -14.88 4.15 27.40
N THR B 269 -16.19 4.17 27.13
CA THR B 269 -16.66 4.18 25.75
C THR B 269 -17.30 5.54 25.51
N SER B 270 -16.86 6.21 24.45
CA SER B 270 -17.42 7.52 24.11
C SER B 270 -17.48 8.41 25.36
N GLY B 271 -16.34 8.55 26.02
CA GLY B 271 -16.27 9.37 27.22
C GLY B 271 -16.26 10.87 26.94
N GLY B 272 -16.15 11.68 27.99
CA GLY B 272 -16.14 13.12 27.81
C GLY B 272 -14.77 13.65 27.49
N LEU B 273 -14.63 14.97 27.52
CA LEU B 273 -13.34 15.59 27.28
C LEU B 273 -12.62 15.80 28.61
N LEU B 274 -11.30 15.69 28.57
CA LEU B 274 -10.44 15.88 29.73
C LEU B 274 -9.48 16.98 29.30
N PHE B 275 -9.57 18.14 29.93
CA PHE B 275 -8.68 19.23 29.52
C PHE B 275 -8.16 20.07 30.67
N THR B 276 -7.13 20.86 30.38
CA THR B 276 -6.49 21.71 31.38
C THR B 276 -6.75 23.20 31.16
N ILE B 277 -7.03 23.92 32.23
CA ILE B 277 -7.29 25.35 32.17
C ILE B 277 -6.63 26.08 33.34
N ASN B 278 -6.38 27.39 33.16
CA ASN B 278 -5.77 28.18 34.23
C ASN B 278 -6.80 28.42 35.32
N LYS B 279 -6.32 28.53 36.56
CA LYS B 279 -7.17 28.73 37.72
C LYS B 279 -8.14 29.90 37.61
N GLU B 280 -7.70 30.98 36.97
CA GLU B 280 -8.54 32.16 36.79
C GLU B 280 -9.83 31.86 36.02
N LYS B 281 -9.74 30.97 35.03
CA LYS B 281 -10.92 30.62 34.22
C LYS B 281 -12.05 30.05 35.06
N LEU B 282 -11.74 29.73 36.31
CA LEU B 282 -12.73 29.17 37.22
C LEU B 282 -13.87 30.14 37.45
N GLU B 283 -13.62 31.42 37.24
CA GLU B 283 -14.63 32.46 37.44
C GLU B 283 -15.80 32.39 36.46
N LYS B 284 -15.52 31.95 35.23
CA LYS B 284 -16.57 31.89 34.23
C LYS B 284 -16.99 30.49 33.79
N ILE B 285 -16.31 29.46 34.29
CA ILE B 285 -16.64 28.09 33.87
C ILE B 285 -18.11 27.70 34.08
N ASP B 286 -18.66 27.96 35.26
CA ASP B 286 -20.05 27.57 35.51
C ASP B 286 -21.04 28.25 34.57
N GLU B 287 -20.90 29.55 34.39
CA GLU B 287 -21.79 30.31 33.50
C GLU B 287 -21.62 29.86 32.06
N THR B 288 -20.39 29.72 31.60
CA THR B 288 -20.12 29.29 30.24
C THR B 288 -20.73 27.90 30.01
N ALA B 289 -20.44 26.99 30.95
CA ALA B 289 -20.95 25.63 30.87
C ALA B 289 -22.47 25.60 30.82
N LYS B 290 -23.12 26.45 31.61
CA LYS B 290 -24.58 26.49 31.63
C LYS B 290 -25.13 27.00 30.30
N GLU B 291 -24.50 28.03 29.74
CA GLU B 291 -24.96 28.58 28.46
C GLU B 291 -24.82 27.51 27.37
N LEU B 292 -23.71 26.78 27.39
CA LEU B 292 -23.46 25.75 26.40
C LEU B 292 -24.25 24.47 26.66
N GLU B 293 -24.83 24.36 27.85
CA GLU B 293 -25.60 23.18 28.24
C GLU B 293 -24.74 21.92 28.31
N VAL B 294 -23.63 22.00 29.01
CA VAL B 294 -22.74 20.85 29.16
C VAL B 294 -22.27 20.74 30.61
N ASN B 295 -22.14 19.51 31.11
CA ASN B 295 -21.69 19.27 32.48
C ASN B 295 -20.17 19.29 32.57
N TYR B 296 -19.66 19.54 33.76
CA TYR B 296 -18.23 19.56 33.99
C TYR B 296 -17.95 19.24 35.45
N TRP B 297 -16.78 18.67 35.68
CA TRP B 297 -16.34 18.30 37.01
C TRP B 297 -14.87 18.66 37.08
N ILE B 298 -14.48 19.33 38.15
CA ILE B 298 -13.08 19.71 38.37
C ILE B 298 -12.51 18.58 39.21
N ILE B 299 -11.68 17.73 38.61
CA ILE B 299 -11.14 16.57 39.30
C ILE B 299 -9.73 16.63 39.87
N GLY B 300 -9.02 17.73 39.63
CA GLY B 300 -7.68 17.83 40.17
C GLY B 300 -6.85 18.93 39.53
N GLU B 301 -5.54 18.82 39.66
CA GLU B 301 -4.67 19.83 39.10
C GLU B 301 -3.35 19.21 38.68
N THR B 302 -2.62 19.92 37.82
CA THR B 302 -1.33 19.40 37.35
C THR B 302 -0.23 19.82 38.32
N ILE B 303 0.80 18.99 38.43
CA ILE B 303 1.93 19.28 39.30
C ILE B 303 3.23 19.18 38.49
N ALA B 304 4.34 19.60 39.08
CA ALA B 304 5.62 19.56 38.38
C ALA B 304 6.21 18.15 38.30
N GLU B 305 6.17 17.43 39.42
CA GLU B 305 6.70 16.08 39.48
C GLU B 305 5.99 15.18 38.48
N ASN B 306 6.77 14.49 37.64
CA ASN B 306 6.21 13.61 36.63
C ASN B 306 5.68 12.30 37.16
N VAL B 307 4.59 12.37 37.90
CA VAL B 307 3.95 11.19 38.47
C VAL B 307 2.46 11.44 38.47
N LEU B 308 1.70 10.41 38.79
CA LEU B 308 0.26 10.50 38.85
C LEU B 308 -0.14 10.28 40.31
N GLU B 309 -0.65 11.33 40.95
CA GLU B 309 -1.07 11.22 42.34
C GLU B 309 -2.57 11.11 42.43
N VAL B 310 -3.05 10.11 43.17
CA VAL B 310 -4.47 9.92 43.34
C VAL B 310 -4.80 9.82 44.82
N LEU B 311 -5.65 10.72 45.30
CA LEU B 311 -6.03 10.70 46.72
C LEU B 311 -7.49 11.03 46.94
N GLY C 3 -20.46 36.10 -15.64
CA GLY C 3 -21.48 36.63 -14.71
C GLY C 3 -21.95 35.56 -13.72
N PHE C 4 -23.23 35.21 -13.79
CA PHE C 4 -23.80 34.21 -12.91
C PHE C 4 -23.53 32.80 -13.46
N ASN C 5 -22.74 32.03 -12.72
CA ASN C 5 -22.40 30.67 -13.15
C ASN C 5 -22.53 29.64 -12.05
N ILE C 6 -23.02 28.46 -12.43
CA ILE C 6 -23.22 27.34 -11.50
C ILE C 6 -22.62 26.07 -12.10
N TYR C 7 -21.77 25.40 -11.33
CA TYR C 7 -21.14 24.17 -11.79
C TYR C 7 -21.20 23.09 -10.72
N THR C 8 -21.53 21.87 -11.11
CA THR C 8 -21.59 20.75 -10.17
C THR C 8 -20.71 19.61 -10.64
N ASP C 9 -20.28 18.78 -9.70
CA ASP C 9 -19.43 17.64 -9.99
C ASP C 9 -19.75 16.54 -8.99
N GLU C 10 -19.83 15.30 -9.47
CA GLU C 10 -20.14 14.19 -8.59
C GLU C 10 -19.57 12.90 -9.14
N SER C 11 -19.12 12.03 -8.23
CA SER C 11 -18.56 10.77 -8.66
C SER C 11 -18.71 9.73 -7.56
N THR C 12 -18.71 8.47 -7.97
CA THR C 12 -18.86 7.34 -7.07
C THR C 12 -17.91 6.24 -7.53
N LEU C 13 -17.27 5.60 -6.57
CA LEU C 13 -16.36 4.50 -6.85
C LEU C 13 -16.79 3.34 -5.97
N VAL C 14 -16.93 2.18 -6.58
CA VAL C 14 -17.31 0.98 -5.84
C VAL C 14 -16.28 -0.09 -6.18
N SER C 15 -15.52 -0.49 -5.16
CA SER C 15 -14.49 -1.51 -5.33
C SER C 15 -14.95 -2.81 -4.69
N ILE C 16 -14.68 -3.92 -5.37
CA ILE C 16 -15.08 -5.23 -4.86
C ILE C 16 -13.86 -6.08 -4.58
N GLY C 17 -12.75 -5.75 -5.22
CA GLY C 17 -11.53 -6.50 -5.03
C GLY C 17 -10.35 -5.60 -4.68
N ALA C 20 -10.67 -4.40 -9.24
CA ALA C 20 -12.04 -4.70 -9.65
C ALA C 20 -13.02 -3.66 -9.10
N GLY C 21 -13.58 -2.86 -9.99
CA GLY C 21 -14.52 -1.84 -9.56
C GLY C 21 -15.29 -1.14 -10.65
N VAL C 22 -16.17 -0.24 -10.22
CA VAL C 22 -16.99 0.54 -11.13
C VAL C 22 -16.93 1.99 -10.65
N TYR C 23 -16.74 2.90 -11.60
CA TYR C 23 -16.62 4.33 -11.31
C TYR C 23 -17.55 5.16 -12.18
N GLU C 24 -18.32 6.04 -11.56
CA GLU C 24 -19.25 6.88 -12.28
C GLU C 24 -18.83 8.32 -12.00
N HIS C 25 -18.79 9.14 -13.06
CA HIS C 25 -18.40 10.54 -12.94
C HIS C 25 -19.12 11.41 -13.95
N ASN C 26 -20.01 12.27 -13.44
CA ASN C 26 -20.79 13.19 -14.26
C ASN C 26 -21.42 12.56 -15.52
N GLY C 27 -22.04 11.39 -15.36
CA GLY C 27 -22.68 10.76 -16.50
C GLY C 27 -21.94 9.62 -17.18
N ILE C 28 -20.63 9.51 -17.00
CA ILE C 28 -19.90 8.41 -17.63
C ILE C 28 -19.58 7.30 -16.62
N ILE C 29 -19.67 6.06 -17.08
CA ILE C 29 -19.37 4.91 -16.23
C ILE C 29 -18.18 4.14 -16.76
N TRP C 30 -17.19 3.94 -15.89
CA TRP C 30 -16.00 3.17 -16.22
C TRP C 30 -16.04 1.89 -15.39
N VAL C 31 -15.59 0.79 -15.98
CA VAL C 31 -15.52 -0.46 -15.23
C VAL C 31 -14.06 -0.87 -15.27
N TYR C 32 -13.60 -1.46 -14.16
CA TYR C 32 -12.21 -1.88 -14.03
C TYR C 32 -12.19 -3.36 -13.65
N THR C 33 -11.33 -4.13 -14.29
CA THR C 33 -11.23 -5.56 -13.99
C THR C 33 -9.79 -6.03 -14.11
N VAL C 34 -9.51 -7.20 -13.56
CA VAL C 34 -8.17 -7.76 -13.62
C VAL C 34 -8.27 -9.29 -13.78
N ASP C 35 -7.46 -9.84 -14.66
CA ASP C 35 -7.49 -11.26 -14.91
C ASP C 35 -6.16 -11.79 -15.42
N ILE C 36 -5.58 -12.72 -14.68
CA ILE C 36 -4.31 -13.32 -15.07
C ILE C 36 -4.47 -14.84 -15.06
N ILE C 37 -3.79 -15.52 -15.98
CA ILE C 37 -3.88 -16.97 -16.05
C ILE C 37 -2.53 -17.62 -16.28
N THR C 38 -2.45 -18.90 -15.92
CA THR C 38 -1.22 -19.67 -16.11
C THR C 38 -1.18 -20.06 -17.58
N PRO C 39 -0.03 -20.53 -18.07
CA PRO C 39 0.04 -20.91 -19.49
C PRO C 39 -1.04 -21.95 -19.79
N VAL C 40 -1.65 -21.86 -20.96
CA VAL C 40 -2.67 -22.82 -21.36
C VAL C 40 -2.23 -23.56 -22.62
N VAL C 41 -1.31 -22.95 -23.37
CA VAL C 41 -0.75 -23.56 -24.57
C VAL C 41 0.77 -23.38 -24.52
N ASN C 42 1.49 -24.18 -25.30
CA ASN C 42 2.94 -24.12 -25.33
C ASN C 42 3.51 -22.92 -26.07
N ASP C 43 2.70 -22.31 -26.94
CA ASP C 43 3.13 -21.15 -27.70
C ASP C 43 3.02 -19.86 -26.90
N PRO C 44 4.17 -19.24 -26.55
CA PRO C 44 4.20 -18.00 -25.77
C PRO C 44 3.33 -16.90 -26.38
N TYR C 45 3.35 -16.79 -27.70
CA TYR C 45 2.56 -15.78 -28.39
C TYR C 45 1.07 -16.05 -28.21
N LEU C 46 0.66 -17.31 -28.36
CA LEU C 46 -0.74 -17.66 -28.20
C LEU C 46 -1.19 -17.43 -26.75
N TRP C 47 -0.28 -17.70 -25.81
CA TRP C 47 -0.59 -17.50 -24.40
C TRP C 47 -0.89 -16.01 -24.15
N GLY C 48 -0.09 -15.14 -24.73
CA GLY C 48 -0.30 -13.71 -24.56
C GLY C 48 -1.62 -13.27 -25.17
N ALA C 49 -1.90 -13.76 -26.37
CA ALA C 49 -3.15 -13.40 -27.05
C ALA C 49 -4.38 -13.95 -26.32
N ILE C 50 -4.31 -15.20 -25.87
CA ILE C 50 -5.44 -15.80 -25.16
C ILE C 50 -5.70 -15.12 -23.82
N SER C 51 -4.64 -14.86 -23.06
CA SER C 51 -4.81 -14.21 -21.76
C SER C 51 -5.47 -12.84 -21.97
N THR C 52 -5.07 -12.14 -23.04
CA THR C 52 -5.63 -10.85 -23.36
C THR C 52 -7.13 -10.94 -23.65
N ALA C 53 -7.51 -11.88 -24.52
CA ALA C 53 -8.93 -12.04 -24.86
C ALA C 53 -9.71 -12.36 -23.57
N ASN C 54 -9.13 -13.23 -22.74
CA ASN C 54 -9.73 -13.63 -21.48
C ASN C 54 -9.93 -12.42 -20.53
N ALA C 55 -8.93 -11.55 -20.45
CA ALA C 55 -9.01 -10.37 -19.59
C ALA C 55 -10.05 -9.36 -20.10
N LEU C 56 -10.09 -9.16 -21.41
CA LEU C 56 -11.04 -8.21 -22.01
C LEU C 56 -12.48 -8.69 -21.83
N SER C 57 -12.68 -10.00 -21.82
CA SER C 57 -14.01 -10.57 -21.66
C SER C 57 -14.74 -10.03 -20.43
N ASP C 58 -14.01 -9.81 -19.34
CA ASP C 58 -14.61 -9.27 -18.12
C ASP C 58 -15.37 -7.98 -18.41
N VAL C 59 -14.76 -7.12 -19.23
CA VAL C 59 -15.36 -5.83 -19.58
C VAL C 59 -16.51 -6.01 -20.56
N TYR C 60 -16.30 -6.84 -21.59
CA TYR C 60 -17.34 -7.10 -22.59
C TYR C 60 -18.61 -7.61 -21.93
N ALA C 61 -18.43 -8.51 -20.96
CA ALA C 61 -19.55 -9.12 -20.25
C ALA C 61 -20.44 -8.11 -19.54
N MET C 62 -19.87 -6.96 -19.19
CA MET C 62 -20.62 -5.92 -18.49
C MET C 62 -21.20 -4.90 -19.48
N GLY C 63 -21.08 -5.20 -20.78
CA GLY C 63 -21.58 -4.30 -21.79
C GLY C 63 -20.57 -3.21 -22.12
N GLY C 64 -19.38 -3.34 -21.56
CA GLY C 64 -18.36 -2.31 -21.76
C GLY C 64 -17.49 -2.33 -23.02
N ILE C 65 -16.90 -1.18 -23.28
CA ILE C 65 -15.98 -0.98 -24.40
C ILE C 65 -14.60 -0.80 -23.76
N PRO C 66 -13.69 -1.76 -23.95
CA PRO C 66 -12.34 -1.68 -23.38
C PRO C 66 -11.62 -0.46 -23.96
N VAL C 67 -10.91 0.27 -23.10
CA VAL C 67 -10.18 1.47 -23.54
C VAL C 67 -8.67 1.29 -23.40
N ASN C 68 -8.21 0.90 -22.22
CA ASN C 68 -6.78 0.71 -22.03
C ASN C 68 -6.49 -0.42 -21.03
N ALA C 69 -5.23 -0.80 -20.93
CA ALA C 69 -4.89 -1.91 -20.05
C ALA C 69 -3.46 -1.85 -19.59
N LEU C 70 -3.17 -2.64 -18.56
CA LEU C 70 -1.83 -2.75 -17.99
C LEU C 70 -1.49 -4.24 -17.95
N ALA C 71 -0.32 -4.62 -18.45
CA ALA C 71 0.08 -6.01 -18.42
C ALA C 71 0.54 -6.37 -17.02
N ILE C 72 0.18 -7.57 -16.58
CA ILE C 72 0.54 -8.06 -15.26
C ILE C 72 1.13 -9.46 -15.38
N SER C 73 2.34 -9.64 -14.86
CA SER C 73 3.00 -10.95 -14.90
C SER C 73 4.15 -11.02 -13.91
N CYS C 74 4.71 -12.22 -13.75
CA CYS C 74 5.82 -12.42 -12.83
C CYS C 74 7.15 -12.58 -13.54
N PHE C 75 7.27 -12.02 -14.75
CA PHE C 75 8.51 -12.13 -15.52
C PHE C 75 9.70 -11.75 -14.64
N ASN C 76 10.84 -12.39 -14.88
CA ASN C 76 12.06 -12.16 -14.13
C ASN C 76 11.90 -12.77 -12.72
N ASN C 77 10.68 -13.19 -12.42
CA ASN C 77 10.35 -13.82 -11.14
C ASN C 77 9.73 -15.19 -11.38
N CYS C 78 9.65 -15.60 -12.64
CA CYS C 78 9.07 -16.89 -13.01
C CYS C 78 9.45 -17.25 -14.45
N ILE C 82 12.77 -14.89 -20.05
CA ILE C 82 12.73 -13.48 -20.44
C ILE C 82 12.52 -13.34 -21.94
N GLU C 83 13.20 -14.18 -22.71
CA GLU C 83 13.08 -14.15 -24.17
C GLU C 83 11.70 -14.63 -24.60
N ILE C 84 11.02 -15.35 -23.72
CA ILE C 84 9.69 -15.87 -24.01
C ILE C 84 8.62 -14.82 -23.75
N PHE C 85 8.81 -14.02 -22.71
CA PHE C 85 7.84 -12.98 -22.37
C PHE C 85 7.78 -11.91 -23.45
N ARG C 86 8.78 -11.90 -24.33
CA ARG C 86 8.81 -10.94 -25.42
C ARG C 86 7.72 -11.37 -26.41
N GLU C 87 7.55 -12.68 -26.54
CA GLU C 87 6.55 -13.25 -27.43
C GLU C 87 5.16 -13.12 -26.79
N VAL C 88 5.11 -13.23 -25.46
CA VAL C 88 3.87 -13.10 -24.75
C VAL C 88 3.32 -11.70 -24.93
N ILE C 89 4.19 -10.70 -24.82
CA ILE C 89 3.78 -9.31 -24.99
C ILE C 89 3.37 -9.06 -26.43
N ARG C 90 4.09 -9.69 -27.36
CA ARG C 90 3.78 -9.54 -28.77
C ARG C 90 2.36 -10.05 -29.04
N GLY C 91 2.01 -11.16 -28.42
CA GLY C 91 0.68 -11.73 -28.59
C GLY C 91 -0.37 -10.84 -27.94
N ALA C 92 -0.06 -10.33 -26.75
CA ALA C 92 -1.00 -9.47 -26.04
C ALA C 92 -1.22 -8.20 -26.85
N LEU C 93 -0.15 -7.64 -27.39
CA LEU C 93 -0.24 -6.42 -28.19
C LEU C 93 -1.07 -6.58 -29.46
N ASP C 94 -0.91 -7.70 -30.14
CA ASP C 94 -1.67 -7.94 -31.36
C ASP C 94 -3.15 -8.06 -31.04
N LYS C 95 -3.48 -8.78 -29.97
CA LYS C 95 -4.87 -8.95 -29.58
C LYS C 95 -5.46 -7.63 -29.11
N LEU C 96 -4.68 -6.84 -28.37
CA LEU C 96 -5.15 -5.54 -27.90
C LEU C 96 -5.41 -4.59 -29.08
N ARG C 97 -4.56 -4.67 -30.09
CA ARG C 97 -4.73 -3.83 -31.29
C ARG C 97 -6.07 -4.21 -31.94
N GLU C 98 -6.34 -5.51 -32.00
CA GLU C 98 -7.58 -6.02 -32.58
C GLU C 98 -8.76 -5.48 -31.78
N ALA C 99 -8.59 -5.38 -30.48
CA ALA C 99 -9.64 -4.88 -29.58
C ALA C 99 -9.64 -3.34 -29.45
N LYS C 100 -8.79 -2.68 -30.22
CA LYS C 100 -8.69 -1.21 -30.17
C LYS C 100 -8.52 -0.73 -28.72
N THR C 101 -7.65 -1.44 -27.99
CA THR C 101 -7.37 -1.14 -26.59
C THR C 101 -5.87 -0.81 -26.47
N VAL C 102 -5.57 0.25 -25.73
CA VAL C 102 -4.19 0.70 -25.56
C VAL C 102 -3.49 0.10 -24.33
N LEU C 103 -2.25 -0.35 -24.52
CA LEU C 103 -1.47 -0.91 -23.42
C LEU C 103 -0.67 0.25 -22.81
N LEU C 104 -0.90 0.51 -21.53
CA LEU C 104 -0.23 1.63 -20.86
C LEU C 104 1.11 1.27 -20.22
N GLY C 105 1.36 -0.02 -20.04
CA GLY C 105 2.60 -0.45 -19.43
C GLY C 105 2.44 -1.82 -18.79
N GLY C 106 3.16 -2.06 -17.70
CA GLY C 106 3.07 -3.33 -17.02
C GLY C 106 3.49 -3.30 -15.56
N HIS C 107 3.04 -4.30 -14.81
CA HIS C 107 3.34 -4.42 -13.40
C HIS C 107 3.75 -5.85 -13.04
N THR C 108 4.79 -5.97 -12.23
CA THR C 108 5.28 -7.28 -11.81
C THR C 108 4.78 -7.59 -10.40
N ILE C 109 4.23 -8.78 -10.21
CA ILE C 109 3.73 -9.16 -8.89
C ILE C 109 4.65 -10.18 -8.22
N ASP C 110 4.50 -10.34 -6.91
CA ASP C 110 5.31 -11.27 -6.12
C ASP C 110 4.76 -12.69 -6.26
N ASP C 111 5.19 -13.39 -7.30
CA ASP C 111 4.71 -14.75 -7.54
C ASP C 111 5.78 -15.60 -8.21
N LYS C 112 5.73 -16.91 -8.00
CA LYS C 112 6.70 -17.81 -8.59
C LYS C 112 6.09 -18.64 -9.71
N GLU C 113 4.78 -18.84 -9.64
CA GLU C 113 4.07 -19.60 -10.66
C GLU C 113 3.87 -18.76 -11.92
N PRO C 114 4.38 -19.24 -13.07
CA PRO C 114 4.26 -18.53 -14.35
C PRO C 114 2.82 -18.11 -14.65
N LYS C 115 2.59 -16.81 -14.69
CA LYS C 115 1.26 -16.26 -14.97
C LYS C 115 1.34 -14.93 -15.70
N PHE C 116 0.33 -14.67 -16.54
CA PHE C 116 0.26 -13.43 -17.29
C PHE C 116 -1.20 -13.03 -17.52
N GLY C 117 -1.44 -11.72 -17.53
CA GLY C 117 -2.79 -11.23 -17.74
C GLY C 117 -2.80 -9.72 -17.83
N LEU C 118 -3.96 -9.14 -17.61
CA LEU C 118 -4.09 -7.69 -17.70
C LEU C 118 -5.08 -7.11 -16.74
N SER C 119 -4.89 -5.82 -16.49
CA SER C 119 -5.78 -5.02 -15.67
C SER C 119 -6.44 -4.23 -16.81
N VAL C 120 -7.77 -4.18 -16.85
CA VAL C 120 -8.43 -3.47 -17.94
C VAL C 120 -9.42 -2.41 -17.49
N ALA C 121 -9.45 -1.30 -18.21
CA ALA C 121 -10.38 -0.20 -17.94
C ALA C 121 -11.25 -0.02 -19.18
N GLY C 122 -12.56 0.02 -18.97
CA GLY C 122 -13.49 0.20 -20.07
C GLY C 122 -14.64 1.12 -19.70
N ILE C 123 -15.44 1.51 -20.67
CA ILE C 123 -16.57 2.40 -20.45
C ILE C 123 -17.88 1.76 -20.90
N CYS C 124 -18.96 2.12 -20.19
CA CYS C 124 -20.30 1.64 -20.49
C CYS C 124 -21.17 2.82 -20.96
N PRO C 125 -21.15 3.10 -22.27
CA PRO C 125 -21.91 4.20 -22.89
C PRO C 125 -23.43 4.20 -22.67
N GLU C 126 -24.00 5.39 -22.71
CA GLU C 126 -25.44 5.59 -22.54
C GLU C 126 -25.97 4.90 -21.28
N GLY C 127 -25.11 4.76 -20.28
CA GLY C 127 -25.52 4.13 -19.04
C GLY C 127 -25.79 2.63 -19.13
N LYS C 128 -25.44 2.03 -20.27
CA LYS C 128 -25.65 0.60 -20.47
C LYS C 128 -24.66 -0.23 -19.65
N TYR C 129 -24.95 -0.38 -18.37
CA TYR C 129 -24.12 -1.15 -17.45
C TYR C 129 -24.87 -2.45 -17.16
N ILE C 130 -24.38 -3.56 -17.72
CA ILE C 130 -25.03 -4.85 -17.54
C ILE C 130 -24.48 -5.61 -16.34
N THR C 131 -25.36 -5.99 -15.43
CA THR C 131 -24.95 -6.70 -14.22
C THR C 131 -25.38 -8.17 -14.26
N GLN C 132 -25.35 -8.83 -13.11
CA GLN C 132 -25.73 -10.23 -13.01
C GLN C 132 -26.97 -10.42 -12.14
N SER C 133 -27.58 -9.31 -11.73
CA SER C 133 -28.75 -9.37 -10.86
C SER C 133 -30.06 -8.84 -11.44
N GLY C 134 -30.19 -8.86 -12.76
CA GLY C 134 -31.42 -8.36 -13.37
C GLY C 134 -32.19 -9.38 -14.20
N ALA C 135 -31.86 -10.67 -14.04
CA ALA C 135 -32.54 -11.71 -14.80
C ALA C 135 -33.93 -11.96 -14.25
N GLN C 136 -34.84 -12.40 -15.13
CA GLN C 136 -36.22 -12.69 -14.75
C GLN C 136 -36.58 -14.13 -15.09
N VAL C 137 -37.59 -14.66 -14.40
CA VAL C 137 -38.04 -16.03 -14.64
C VAL C 137 -38.68 -16.16 -16.02
N GLY C 138 -38.43 -17.29 -16.68
CA GLY C 138 -39.02 -17.52 -17.99
C GLY C 138 -38.17 -17.06 -19.16
N GLN C 139 -36.95 -16.59 -18.87
CA GLN C 139 -36.07 -16.13 -19.93
C GLN C 139 -35.16 -17.26 -20.42
N LEU C 140 -34.62 -17.10 -21.63
CA LEU C 140 -33.74 -18.11 -22.21
C LEU C 140 -32.27 -17.83 -21.91
N LEU C 141 -31.51 -18.89 -21.65
CA LEU C 141 -30.08 -18.76 -21.37
C LEU C 141 -29.29 -18.96 -22.66
N ILE C 142 -28.53 -17.94 -23.05
CA ILE C 142 -27.74 -17.98 -24.27
C ILE C 142 -26.24 -18.04 -23.95
N LEU C 143 -25.52 -18.89 -24.67
CA LEU C 143 -24.07 -19.07 -24.50
C LEU C 143 -23.45 -18.90 -25.88
N THR C 144 -22.34 -18.15 -25.96
CA THR C 144 -21.69 -17.87 -27.23
C THR C 144 -20.41 -18.62 -27.60
N LYS C 145 -19.94 -19.50 -26.72
CA LYS C 145 -18.74 -20.28 -27.03
C LYS C 145 -18.88 -21.64 -26.35
N PRO C 146 -18.28 -22.67 -26.92
CA PRO C 146 -18.36 -24.02 -26.33
C PRO C 146 -17.54 -24.05 -25.04
N ILE C 147 -17.77 -25.06 -24.22
CA ILE C 147 -17.02 -25.24 -22.98
C ILE C 147 -16.17 -26.50 -23.11
N GLY C 148 -15.34 -26.76 -22.10
CA GLY C 148 -14.50 -27.95 -22.10
C GLY C 148 -13.03 -27.69 -22.36
N THR C 149 -12.60 -26.44 -22.37
CA THR C 149 -11.20 -26.13 -22.62
C THR C 149 -10.30 -26.62 -21.48
N GLY C 150 -10.81 -26.59 -20.25
CA GLY C 150 -10.03 -27.02 -19.10
C GLY C 150 -9.54 -28.46 -19.26
N ILE C 151 -10.44 -29.31 -19.72
CA ILE C 151 -10.12 -30.70 -19.94
C ILE C 151 -9.07 -30.84 -21.07
N LEU C 152 -9.23 -30.07 -22.14
CA LEU C 152 -8.28 -30.13 -23.26
C LEU C 152 -6.89 -29.65 -22.84
N ILE C 153 -6.85 -28.55 -22.08
CA ILE C 153 -5.59 -27.98 -21.63
C ILE C 153 -4.85 -28.98 -20.73
N LYS C 154 -5.63 -29.73 -19.95
CA LYS C 154 -5.08 -30.75 -19.06
C LYS C 154 -4.42 -31.82 -19.96
N GLY C 155 -5.17 -32.27 -20.97
CA GLY C 155 -4.66 -33.27 -21.89
C GLY C 155 -3.42 -32.80 -22.62
N LEU C 156 -3.37 -31.52 -22.99
CA LEU C 156 -2.21 -30.99 -23.68
C LEU C 156 -1.01 -31.00 -22.72
N LYS C 157 -1.26 -30.61 -21.48
CA LYS C 157 -0.21 -30.58 -20.46
C LYS C 157 0.30 -31.99 -20.20
N GLU C 158 -0.63 -32.95 -20.19
CA GLU C 158 -0.31 -34.36 -19.95
C GLU C 158 0.41 -35.01 -21.14
N GLY C 159 0.46 -34.31 -22.26
CA GLY C 159 1.11 -34.88 -23.43
C GLY C 159 0.19 -35.85 -24.16
N ILE C 160 -1.06 -35.93 -23.71
CA ILE C 160 -2.05 -36.80 -24.32
C ILE C 160 -2.52 -36.21 -25.65
N LEU C 161 -2.45 -34.89 -25.76
CA LEU C 161 -2.87 -34.19 -26.97
C LEU C 161 -1.79 -33.22 -27.43
N LYS C 162 -1.90 -32.79 -28.68
CA LYS C 162 -0.98 -31.82 -29.26
C LYS C 162 -1.83 -30.62 -29.60
N GLU C 163 -1.21 -29.45 -29.76
CA GLU C 163 -1.97 -28.25 -30.08
C GLU C 163 -2.81 -28.42 -31.35
N GLU C 164 -2.29 -29.17 -32.32
CA GLU C 164 -3.00 -29.40 -33.57
C GLU C 164 -4.36 -30.08 -33.35
N ASP C 165 -4.46 -30.89 -32.31
CA ASP C 165 -5.71 -31.59 -32.00
C ASP C 165 -6.80 -30.66 -31.47
N ILE C 166 -6.40 -29.55 -30.85
CA ILE C 166 -7.35 -28.61 -30.27
C ILE C 166 -7.36 -27.24 -30.92
N ASN C 167 -7.15 -27.19 -32.23
CA ASN C 167 -7.12 -25.90 -32.94
C ASN C 167 -8.45 -25.14 -32.84
N GLU C 168 -9.58 -25.85 -32.80
CA GLU C 168 -10.86 -25.15 -32.69
C GLU C 168 -11.01 -24.48 -31.33
N ALA C 169 -10.53 -25.14 -30.28
CA ALA C 169 -10.61 -24.57 -28.94
C ALA C 169 -9.68 -23.36 -28.86
N ILE C 170 -8.52 -23.45 -29.49
CA ILE C 170 -7.58 -22.34 -29.49
C ILE C 170 -8.16 -21.15 -30.25
N GLU C 171 -8.84 -21.42 -31.37
CA GLU C 171 -9.45 -20.35 -32.14
C GLU C 171 -10.52 -19.65 -31.29
N ASN C 172 -11.30 -20.43 -30.56
CA ASN C 172 -12.34 -19.86 -29.70
C ASN C 172 -11.75 -19.09 -28.50
N MET C 173 -10.63 -19.58 -27.97
CA MET C 173 -10.00 -18.90 -26.83
C MET C 173 -9.42 -17.55 -27.27
N LEU C 174 -8.96 -17.50 -28.51
CA LEU C 174 -8.38 -16.31 -29.11
C LEU C 174 -9.43 -15.24 -29.46
N ALA C 175 -10.67 -15.69 -29.71
CA ALA C 175 -11.75 -14.78 -30.12
C ALA C 175 -12.26 -13.80 -29.05
N LEU C 176 -12.30 -12.52 -29.43
CA LEU C 176 -12.80 -11.46 -28.54
C LEU C 176 -14.31 -11.59 -28.39
N ASN C 177 -14.85 -11.22 -27.23
CA ASN C 177 -16.29 -11.28 -27.00
C ASN C 177 -17.01 -9.98 -27.34
N ASP C 178 -16.40 -9.17 -28.19
CA ASP C 178 -17.01 -7.90 -28.56
C ASP C 178 -18.28 -8.10 -29.41
N LYS C 179 -18.25 -9.06 -30.32
CA LYS C 179 -19.42 -9.34 -31.16
C LYS C 179 -20.55 -9.92 -30.30
N ALA C 180 -20.18 -10.78 -29.36
CA ALA C 180 -21.13 -11.39 -28.45
C ALA C 180 -21.76 -10.31 -27.55
N ARG C 181 -20.95 -9.33 -27.15
CA ARG C 181 -21.45 -8.24 -26.31
C ARG C 181 -22.50 -7.46 -27.11
N ASN C 182 -22.20 -7.22 -28.38
CA ASN C 182 -23.13 -6.49 -29.24
C ASN C 182 -24.43 -7.26 -29.43
N LEU C 183 -24.32 -8.58 -29.61
CA LEU C 183 -25.50 -9.42 -29.77
C LEU C 183 -26.33 -9.29 -28.49
N MET C 184 -25.64 -9.45 -27.36
CA MET C 184 -26.22 -9.38 -26.03
C MET C 184 -26.96 -8.05 -25.81
N LEU C 185 -26.34 -6.94 -26.17
CA LEU C 185 -26.97 -5.63 -26.00
C LEU C 185 -28.10 -5.48 -27.01
N SER C 186 -27.87 -5.97 -28.22
CA SER C 186 -28.86 -5.88 -29.29
C SER C 186 -30.18 -6.57 -28.94
N LEU C 187 -30.09 -7.67 -28.19
CA LEU C 187 -31.27 -8.43 -27.79
C LEU C 187 -31.81 -7.98 -26.43
N ASP C 188 -31.34 -6.83 -25.96
CA ASP C 188 -31.77 -6.28 -24.68
C ASP C 188 -31.65 -7.27 -23.52
N ALA C 189 -30.49 -7.90 -23.40
CA ALA C 189 -30.26 -8.88 -22.34
C ALA C 189 -30.50 -8.25 -20.97
N THR C 190 -31.06 -9.04 -20.06
CA THR C 190 -31.35 -8.57 -18.71
C THR C 190 -30.21 -8.84 -17.74
N ALA C 191 -29.37 -9.82 -18.09
CA ALA C 191 -28.23 -10.19 -17.26
C ALA C 191 -27.17 -10.82 -18.16
N CYS C 192 -25.91 -10.71 -17.74
CA CYS C 192 -24.82 -11.26 -18.53
C CYS C 192 -23.58 -11.47 -17.66
N THR C 193 -22.78 -12.46 -18.04
CA THR C 193 -21.54 -12.76 -17.37
C THR C 193 -20.72 -13.55 -18.38
N ASP C 194 -19.45 -13.74 -18.13
CA ASP C 194 -18.70 -14.54 -19.08
C ASP C 194 -18.36 -15.84 -18.36
N VAL C 195 -18.08 -16.88 -19.13
CA VAL C 195 -17.77 -18.18 -18.56
C VAL C 195 -16.27 -18.40 -18.50
N THR C 196 -15.72 -18.48 -17.28
CA THR C 196 -14.30 -18.72 -17.12
C THR C 196 -13.99 -19.82 -16.10
N GLY C 197 -13.06 -19.52 -15.20
CA GLY C 197 -12.64 -20.51 -14.22
C GLY C 197 -13.64 -21.22 -13.33
N PHE C 198 -14.80 -20.60 -13.07
CA PHE C 198 -15.79 -21.25 -12.22
C PHE C 198 -16.69 -22.26 -12.94
N GLY C 199 -16.44 -22.47 -14.23
CA GLY C 199 -17.25 -23.42 -14.98
C GLY C 199 -18.60 -22.85 -15.38
N LEU C 200 -19.26 -23.50 -16.33
CA LEU C 200 -20.57 -23.03 -16.78
C LEU C 200 -21.60 -22.98 -15.64
N LEU C 201 -21.67 -24.05 -14.86
CA LEU C 201 -22.62 -24.10 -13.76
C LEU C 201 -22.34 -23.01 -12.73
N GLY C 202 -21.07 -22.81 -12.41
CA GLY C 202 -20.71 -21.78 -11.46
C GLY C 202 -21.16 -20.40 -11.89
N HIS C 203 -20.82 -19.99 -13.11
CA HIS C 203 -21.22 -18.67 -13.57
C HIS C 203 -22.72 -18.52 -13.78
N ALA C 204 -23.39 -19.62 -14.12
CA ALA C 204 -24.84 -19.58 -14.29
C ALA C 204 -25.41 -19.33 -12.89
N TRP C 205 -24.83 -20.00 -11.90
CA TRP C 205 -25.29 -19.83 -10.52
C TRP C 205 -25.04 -18.41 -10.02
N ASN C 206 -24.00 -17.76 -10.51
CA ASN C 206 -23.75 -16.38 -10.09
C ASN C 206 -24.92 -15.49 -10.50
N ILE C 207 -25.47 -15.74 -11.68
CA ILE C 207 -26.61 -14.99 -12.16
C ILE C 207 -27.85 -15.31 -11.32
N CYS C 208 -28.06 -16.60 -11.05
CA CYS C 208 -29.19 -17.05 -10.25
C CYS C 208 -29.14 -16.45 -8.85
N LYS C 209 -27.97 -16.51 -8.23
CA LYS C 209 -27.76 -15.97 -6.90
C LYS C 209 -28.07 -14.48 -6.84
N ASN C 210 -27.51 -13.73 -7.77
CA ASN C 210 -27.70 -12.28 -7.81
C ASN C 210 -29.07 -11.85 -8.30
N SER C 211 -29.75 -12.69 -9.06
CA SER C 211 -31.07 -12.36 -9.56
C SER C 211 -32.15 -13.01 -8.71
N ASN C 212 -31.73 -13.74 -7.69
CA ASN C 212 -32.67 -14.45 -6.81
C ASN C 212 -33.61 -15.28 -7.66
N ILE C 213 -33.06 -15.97 -8.64
CA ILE C 213 -33.84 -16.80 -9.53
C ILE C 213 -33.15 -18.16 -9.69
N GLY C 214 -33.64 -18.98 -10.60
CA GLY C 214 -33.03 -20.28 -10.82
C GLY C 214 -32.77 -20.53 -12.29
N ALA C 215 -32.06 -21.62 -12.60
CA ALA C 215 -31.78 -21.94 -13.99
C ALA C 215 -31.89 -23.42 -14.28
N ARG C 216 -32.44 -23.72 -15.46
CA ARG C 216 -32.60 -25.09 -15.93
C ARG C 216 -31.73 -25.20 -17.17
N ILE C 217 -30.74 -26.07 -17.11
CA ILE C 217 -29.83 -26.25 -18.24
C ILE C 217 -29.92 -27.67 -18.80
N PHE C 218 -30.02 -27.78 -20.12
CA PHE C 218 -30.10 -29.09 -20.76
C PHE C 218 -28.73 -29.49 -21.30
N PHE C 219 -28.14 -30.54 -20.71
CA PHE C 219 -26.83 -31.01 -21.12
C PHE C 219 -26.72 -31.25 -22.62
N GLU C 220 -27.76 -31.84 -23.22
CA GLU C 220 -27.73 -32.12 -24.65
C GLU C 220 -27.78 -30.88 -25.53
N LYS C 221 -27.95 -29.71 -24.93
CA LYS C 221 -28.00 -28.45 -25.68
C LYS C 221 -26.75 -27.61 -25.46
N VAL C 222 -25.90 -28.05 -24.55
CA VAL C 222 -24.66 -27.35 -24.22
C VAL C 222 -23.52 -27.67 -25.20
N PRO C 223 -22.95 -26.64 -25.82
CA PRO C 223 -21.86 -26.91 -26.76
C PRO C 223 -20.52 -27.20 -26.06
N TYR C 224 -19.86 -28.27 -26.48
CA TYR C 224 -18.55 -28.63 -25.93
C TYR C 224 -17.76 -29.43 -26.94
N TYR C 225 -16.43 -29.39 -26.84
CA TYR C 225 -15.55 -30.10 -27.76
C TYR C 225 -15.61 -31.61 -27.56
N GLN C 226 -15.72 -32.35 -28.66
CA GLN C 226 -15.79 -33.81 -28.62
C GLN C 226 -14.66 -34.40 -27.80
N LEU C 227 -13.45 -33.87 -28.00
CA LEU C 227 -12.26 -34.34 -27.30
C LEU C 227 -12.40 -34.12 -25.79
N SER C 228 -13.18 -33.12 -25.41
CA SER C 228 -13.38 -32.84 -23.99
C SER C 228 -14.15 -34.00 -23.36
N GLU C 229 -15.17 -34.47 -24.07
CA GLU C 229 -15.97 -35.59 -23.60
C GLU C 229 -15.12 -36.86 -23.48
N ASN C 230 -14.30 -37.12 -24.50
CA ASN C 230 -13.46 -38.31 -24.51
C ASN C 230 -12.47 -38.32 -23.35
N LEU C 231 -11.82 -37.18 -23.10
CA LEU C 231 -10.85 -37.09 -22.02
C LEU C 231 -11.46 -37.22 -20.62
N VAL C 232 -12.60 -36.58 -20.40
CA VAL C 232 -13.24 -36.63 -19.09
C VAL C 232 -13.69 -38.06 -18.78
N LYS C 233 -14.09 -38.79 -19.82
CA LYS C 233 -14.53 -40.18 -19.64
C LYS C 233 -13.37 -41.10 -19.29
N LYS C 234 -12.15 -40.61 -19.49
CA LYS C 234 -10.95 -41.37 -19.18
C LYS C 234 -10.35 -40.85 -17.89
N LYS C 235 -11.16 -40.16 -17.09
CA LYS C 235 -10.72 -39.60 -15.81
C LYS C 235 -9.65 -38.52 -16.01
N ILE C 236 -9.69 -37.87 -17.15
CA ILE C 236 -8.74 -36.81 -17.45
C ILE C 236 -9.42 -35.45 -17.40
N TYR C 237 -9.14 -34.70 -16.34
CA TYR C 237 -9.73 -33.38 -16.14
C TYR C 237 -9.04 -32.61 -15.02
N PRO C 238 -9.15 -31.27 -15.03
CA PRO C 238 -8.54 -30.39 -14.03
C PRO C 238 -9.14 -30.57 -12.65
N LYS C 239 -8.34 -30.39 -11.61
CA LYS C 239 -8.84 -30.53 -10.24
C LYS C 239 -9.89 -29.45 -10.02
N GLY C 240 -9.73 -28.33 -10.73
CA GLY C 240 -10.67 -27.23 -10.62
C GLY C 240 -12.10 -27.62 -10.95
N ALA C 241 -12.26 -28.64 -11.78
CA ALA C 241 -13.59 -29.11 -12.15
C ALA C 241 -14.30 -29.68 -10.94
N ILE C 242 -13.56 -30.46 -10.14
CA ILE C 242 -14.12 -31.07 -8.93
C ILE C 242 -14.47 -29.99 -7.91
N GLU C 243 -13.63 -28.96 -7.84
CA GLU C 243 -13.84 -27.86 -6.92
C GLU C 243 -15.10 -27.09 -7.29
N ASN C 244 -15.30 -26.84 -8.58
CA ASN C 244 -16.48 -26.12 -9.04
C ASN C 244 -17.74 -26.92 -8.80
N LEU C 245 -17.68 -28.22 -9.10
CA LEU C 245 -18.84 -29.09 -8.91
C LEU C 245 -19.23 -29.17 -7.44
N ASN C 246 -18.26 -29.42 -6.56
CA ASN C 246 -18.56 -29.51 -5.13
C ASN C 246 -19.08 -28.21 -4.58
N PHE C 247 -18.73 -27.10 -5.21
CA PHE C 247 -19.18 -25.79 -4.77
C PHE C 247 -20.64 -25.52 -5.13
N VAL C 248 -21.15 -26.16 -6.17
CA VAL C 248 -22.53 -25.96 -6.59
C VAL C 248 -23.47 -27.11 -6.18
N LYS C 249 -22.89 -28.19 -5.66
CA LYS C 249 -23.69 -29.34 -5.26
C LYS C 249 -24.80 -29.08 -4.26
N ASN C 250 -24.67 -28.03 -3.45
CA ASN C 250 -25.71 -27.72 -2.47
C ASN C 250 -26.89 -27.02 -3.12
N TYR C 251 -26.73 -26.61 -4.37
CA TYR C 251 -27.78 -25.93 -5.11
C TYR C 251 -28.06 -26.66 -6.42
N LEU C 252 -27.47 -27.84 -6.56
CA LEU C 252 -27.63 -28.62 -7.79
C LEU C 252 -28.65 -29.74 -7.72
N LYS C 253 -29.58 -29.72 -8.67
CA LYS C 253 -30.60 -30.75 -8.79
C LYS C 253 -30.38 -31.42 -10.14
N SER C 254 -29.86 -32.63 -10.11
CA SER C 254 -29.58 -33.36 -11.34
C SER C 254 -29.35 -34.83 -11.08
N ASN C 255 -29.58 -35.65 -12.11
CA ASN C 255 -29.41 -37.09 -12.00
C ASN C 255 -28.42 -37.59 -13.05
N LEU C 256 -27.77 -36.65 -13.73
CA LEU C 256 -26.81 -36.96 -14.78
C LEU C 256 -25.52 -37.63 -14.30
N ASP C 257 -24.94 -38.46 -15.17
CA ASP C 257 -23.69 -39.15 -14.85
C ASP C 257 -22.63 -38.14 -14.42
N ASN C 258 -21.65 -38.63 -13.66
CA ASN C 258 -20.56 -37.80 -13.15
C ASN C 258 -19.78 -37.06 -14.24
N TRP C 259 -19.37 -37.78 -15.28
CA TRP C 259 -18.58 -37.15 -16.34
C TRP C 259 -19.24 -35.91 -16.93
N LYS C 260 -20.56 -35.91 -16.99
CA LYS C 260 -21.33 -34.78 -17.52
C LYS C 260 -21.27 -33.57 -16.59
N LEU C 261 -21.45 -33.81 -15.30
CA LEU C 261 -21.40 -32.73 -14.32
C LEU C 261 -20.00 -32.15 -14.24
N ILE C 262 -19.01 -33.02 -14.36
CA ILE C 262 -17.62 -32.59 -14.32
C ILE C 262 -17.33 -31.73 -15.55
N LEU C 263 -17.81 -32.17 -16.71
CA LEU C 263 -17.62 -31.43 -17.95
C LEU C 263 -18.26 -30.05 -17.80
N LEU C 264 -19.51 -30.03 -17.35
CA LEU C 264 -20.24 -28.77 -17.14
C LEU C 264 -19.62 -27.87 -16.07
N SER C 265 -18.78 -28.44 -15.21
CA SER C 265 -18.14 -27.66 -14.15
C SER C 265 -16.70 -27.32 -14.51
N ASP C 266 -16.24 -27.86 -15.64
CA ASP C 266 -14.88 -27.66 -16.11
C ASP C 266 -14.49 -26.18 -16.27
N PRO C 267 -13.39 -25.76 -15.63
CA PRO C 267 -12.94 -24.37 -15.72
C PRO C 267 -12.72 -24.01 -17.18
N VAL C 268 -13.26 -22.88 -17.61
CA VAL C 268 -13.13 -22.47 -18.99
C VAL C 268 -12.15 -21.30 -19.11
N THR C 269 -11.39 -21.26 -20.20
CA THR C 269 -10.45 -20.18 -20.45
C THR C 269 -10.95 -19.35 -21.62
N SER C 270 -11.09 -18.05 -21.39
CA SER C 270 -11.56 -17.13 -22.41
C SER C 270 -12.85 -17.69 -23.02
N GLY C 271 -13.81 -17.99 -22.15
CA GLY C 271 -15.09 -18.53 -22.60
C GLY C 271 -15.97 -17.49 -23.24
N GLY C 272 -17.19 -17.89 -23.60
CA GLY C 272 -18.09 -16.96 -24.24
C GLY C 272 -18.93 -16.22 -23.22
N LEU C 273 -19.93 -15.49 -23.69
CA LEU C 273 -20.81 -14.79 -22.79
C LEU C 273 -22.03 -15.67 -22.52
N LEU C 274 -22.57 -15.54 -21.31
CA LEU C 274 -23.74 -16.29 -20.87
C LEU C 274 -24.73 -15.22 -20.47
N PHE C 275 -25.86 -15.13 -21.17
CA PHE C 275 -26.84 -14.10 -20.86
C PHE C 275 -28.30 -14.53 -21.05
N THR C 276 -29.20 -13.75 -20.44
CA THR C 276 -30.63 -14.02 -20.49
C THR C 276 -31.44 -13.04 -21.33
N ILE C 277 -32.33 -13.58 -22.19
CA ILE C 277 -33.17 -12.76 -23.06
C ILE C 277 -34.61 -13.28 -23.05
N ASN C 278 -35.56 -12.42 -23.43
CA ASN C 278 -36.97 -12.83 -23.48
C ASN C 278 -37.18 -13.73 -24.69
N LYS C 279 -38.10 -14.69 -24.55
CA LYS C 279 -38.40 -15.64 -25.61
C LYS C 279 -38.89 -15.01 -26.92
N GLU C 280 -39.38 -13.79 -26.84
CA GLU C 280 -39.87 -13.09 -28.03
C GLU C 280 -38.70 -12.64 -28.90
N LYS C 281 -37.49 -12.70 -28.34
CA LYS C 281 -36.29 -12.30 -29.06
C LYS C 281 -35.75 -13.46 -29.87
N LEU C 282 -36.32 -14.65 -29.66
CA LEU C 282 -35.87 -15.85 -30.35
C LEU C 282 -36.07 -15.73 -31.86
N GLU C 283 -36.90 -14.79 -32.28
CA GLU C 283 -37.20 -14.58 -33.70
C GLU C 283 -36.13 -13.72 -34.40
N LYS C 284 -35.34 -12.99 -33.63
CA LYS C 284 -34.31 -12.13 -34.21
C LYS C 284 -32.90 -12.66 -34.03
N ILE C 285 -32.63 -13.24 -32.87
CA ILE C 285 -31.32 -13.77 -32.52
C ILE C 285 -30.52 -14.40 -33.66
N ASP C 286 -31.17 -15.17 -34.52
CA ASP C 286 -30.44 -15.82 -35.60
C ASP C 286 -29.91 -14.87 -36.68
N GLU C 287 -30.73 -13.92 -37.13
CA GLU C 287 -30.27 -12.99 -38.15
C GLU C 287 -29.29 -12.00 -37.54
N THR C 288 -29.54 -11.61 -36.29
CA THR C 288 -28.66 -10.67 -35.60
C THR C 288 -27.28 -11.32 -35.44
N ALA C 289 -27.28 -12.60 -35.08
CA ALA C 289 -26.03 -13.35 -34.89
C ALA C 289 -25.27 -13.52 -36.19
N LYS C 290 -25.98 -13.69 -37.30
CA LYS C 290 -25.32 -13.85 -38.59
C LYS C 290 -24.64 -12.55 -39.02
N GLU C 291 -25.31 -11.43 -38.79
CA GLU C 291 -24.76 -10.13 -39.15
C GLU C 291 -23.50 -9.84 -38.33
N LEU C 292 -23.63 -9.99 -37.01
CA LEU C 292 -22.52 -9.74 -36.09
C LEU C 292 -21.42 -10.77 -36.21
N GLU C 293 -21.73 -11.90 -36.85
CA GLU C 293 -20.77 -12.98 -37.04
C GLU C 293 -20.36 -13.59 -35.69
N VAL C 294 -21.34 -14.16 -34.99
CA VAL C 294 -21.09 -14.79 -33.71
C VAL C 294 -22.06 -15.97 -33.51
N ASN C 295 -21.53 -17.08 -33.02
CA ASN C 295 -22.35 -18.27 -32.78
C ASN C 295 -23.10 -18.12 -31.46
N TYR C 296 -24.16 -18.91 -31.30
CA TYR C 296 -24.93 -18.87 -30.07
C TYR C 296 -25.60 -20.23 -29.88
N TRP C 297 -25.91 -20.53 -28.63
CA TRP C 297 -26.54 -21.79 -28.26
C TRP C 297 -27.54 -21.53 -27.15
N ILE C 298 -28.78 -22.01 -27.33
CA ILE C 298 -29.81 -21.85 -26.31
C ILE C 298 -29.65 -23.07 -25.41
N ILE C 299 -29.05 -22.88 -24.25
CA ILE C 299 -28.79 -24.00 -23.35
C ILE C 299 -29.83 -24.26 -22.27
N GLY C 300 -30.72 -23.29 -22.04
CA GLY C 300 -31.73 -23.49 -21.02
C GLY C 300 -32.63 -22.29 -20.80
N GLU C 301 -33.25 -22.25 -19.63
CA GLU C 301 -34.15 -21.15 -19.28
C GLU C 301 -34.16 -20.96 -17.78
N THR C 302 -34.50 -19.75 -17.35
CA THR C 302 -34.54 -19.44 -15.93
C THR C 302 -35.85 -19.94 -15.32
N ILE C 303 -35.81 -20.29 -14.05
CA ILE C 303 -36.98 -20.79 -13.34
C ILE C 303 -37.10 -20.06 -12.00
N ALA C 304 -38.24 -20.22 -11.34
CA ALA C 304 -38.48 -19.56 -10.05
C ALA C 304 -37.67 -20.16 -8.91
N GLU C 305 -37.72 -21.48 -8.76
CA GLU C 305 -36.98 -22.14 -7.68
C GLU C 305 -35.50 -21.79 -7.74
N ASN C 306 -34.97 -21.30 -6.62
CA ASN C 306 -33.57 -20.90 -6.56
C ASN C 306 -32.61 -22.08 -6.53
N VAL C 307 -32.44 -22.72 -7.68
CA VAL C 307 -31.54 -23.86 -7.80
C VAL C 307 -31.06 -24.01 -9.23
N LEU C 308 -30.17 -24.98 -9.44
CA LEU C 308 -29.66 -25.27 -10.76
C LEU C 308 -30.20 -26.64 -11.15
N GLU C 309 -31.12 -26.66 -12.10
CA GLU C 309 -31.69 -27.91 -12.59
C GLU C 309 -30.91 -28.29 -13.84
N VAL C 310 -30.10 -29.35 -13.76
CA VAL C 310 -29.33 -29.79 -14.91
C VAL C 310 -29.92 -31.11 -15.40
N LEU C 311 -30.63 -31.05 -16.51
CA LEU C 311 -31.30 -32.23 -17.07
C LEU C 311 -30.70 -32.76 -18.37
P PO4 D . 30.66 -8.77 10.50
O1 PO4 D . 30.13 -7.78 9.52
O2 PO4 D . 31.64 -9.67 9.82
O3 PO4 D . 31.35 -8.05 11.60
O4 PO4 D . 29.55 -9.57 11.04
P PO4 E . -13.15 -9.10 29.68
O1 PO4 E . -13.03 -9.39 31.12
O2 PO4 E . -14.50 -8.58 29.39
O3 PO4 E . -12.93 -10.36 28.91
O4 PO4 E . -12.15 -8.10 29.29
P PO4 F . -4.55 -30.23 -12.49
O1 PO4 F . -3.92 -30.18 -11.14
O2 PO4 F . -3.55 -30.69 -13.47
O3 PO4 F . -5.02 -28.86 -12.84
O4 PO4 F . -5.69 -31.17 -12.46
#